data_5L8C
#
_entry.id   5L8C
#
_cell.length_a   114.600
_cell.length_b   115.130
_cell.length_c   68.630
_cell.angle_alpha   90.00
_cell.angle_beta   108.12
_cell.angle_gamma   90.00
#
_symmetry.space_group_name_H-M   'C 1 2 1'
#
loop_
_entity.id
_entity.type
_entity.pdbx_description
1 polymer Phosphodiesterase
2 non-polymer 'ZINC ION'
3 non-polymer 'MAGNESIUM ION'
4 non-polymer 'FORMIC ACID'
5 non-polymer GUANIDINE
6 non-polymer 4-[5-[(4~{a}~{R},8~{a}~{S})-4-oxidanylidene-3-propan-2-yl-4~{a},5,8,8~{a}-tetrahydrophthalazin-1-yl]-2-methoxy-phenyl]-~{N}-(2-azanyl-2-oxidanylidene-ethyl)benzamide
7 non-polymer GLYCEROL
8 non-polymer DI(HYDROXYETHYL)ETHER
9 water water
#
_entity_poly.entity_id   1
_entity_poly.type   'polypeptide(L)'
_entity_poly.pdbx_seq_one_letter_code
;GSHMASELNEHRATLFNKNVPSRAVKRVTAITKVEREAVLVCELPSFDVTDVEFDLFRARESTDKPLDVAAAIAYRLLLG
SGLPQKFGCSDEVLLNFILQCRKKYRNVPYHNFYHVVDVCQTIHTFLYRGNVYEKLTELECFVLLITALVHDLDHMGLNN
SFYLKTESPLGILSSASGNTSVLEVHHCNLAVEILSDPESDVFDGLEGAERTLAFRSMIDCVLATDMAKHGSALEAFLAS
AADQSSDEAAFHRMTMEIILKAGDISNVTKPFDISRQWAMAVTEEFYRQGDMEKERGVEVLPMFDRSKNMELAKGQIGFI
DFVAAPFFQKIVDACLQGMQWTVDRIKSNRAQWERVLETR
;
_entity_poly.pdbx_strand_id   A,B
#
loop_
_chem_comp.id
_chem_comp.type
_chem_comp.name
_chem_comp.formula
908 non-polymer 4-[5-[(4~{a}~{R},8~{a}~{S})-4-oxidanylidene-3-propan-2-yl-4~{a},5,8,8~{a}-tetrahydrophthalazin-1-yl]-2-methoxy-phenyl]-~{N}-(2-azanyl-2-oxidanylidene-ethyl)benzamide 'C27 H30 N4 O4'
FMT non-polymer 'FORMIC ACID' 'C H2 O2'
GAI non-polymer GUANIDINE 'C H5 N3'
GOL non-polymer GLYCEROL 'C3 H8 O3'
MG non-polymer 'MAGNESIUM ION' 'Mg 2'
PEG non-polymer DI(HYDROXYETHYL)ETHER 'C4 H10 O3'
ZN non-polymer 'ZINC ION' 'Zn 2'
#
# COMPACT_ATOMS: atom_id res chain seq x y z
N VAL A 28 -23.99 38.21 3.19
CA VAL A 28 -22.70 37.48 3.45
C VAL A 28 -21.99 38.09 4.69
N THR A 29 -22.30 37.54 5.86
CA THR A 29 -21.73 37.99 7.11
C THR A 29 -20.22 37.84 7.13
N ALA A 30 -19.54 38.80 7.73
CA ALA A 30 -18.10 38.75 7.83
C ALA A 30 -17.64 37.78 8.90
N ILE A 31 -16.40 37.35 8.81
CA ILE A 31 -15.80 36.42 9.74
C ILE A 31 -15.33 37.13 10.98
N THR A 32 -15.62 36.54 12.15
CA THR A 32 -15.28 37.13 13.44
C THR A 32 -13.87 36.71 13.86
N LYS A 33 -13.24 37.52 14.70
CA LYS A 33 -11.96 37.15 15.33
C LYS A 33 -12.08 35.84 16.12
N VAL A 34 -13.26 35.57 16.69
CA VAL A 34 -13.46 34.36 17.50
C VAL A 34 -13.33 33.12 16.62
N GLU A 35 -13.96 33.16 15.45
CA GLU A 35 -13.88 32.06 14.44
C GLU A 35 -12.46 31.87 13.93
N ARG A 36 -11.75 32.96 13.64
CA ARG A 36 -10.33 32.84 13.26
C ARG A 36 -9.47 32.12 14.31
N GLU A 37 -9.61 32.53 15.58
CA GLU A 37 -8.86 31.92 16.69
C GLU A 37 -9.06 30.42 16.79
N ALA A 38 -10.28 29.94 16.61
CA ALA A 38 -10.55 28.50 16.70
C ALA A 38 -9.74 27.69 15.67
N VAL A 39 -9.44 28.30 14.52
CA VAL A 39 -8.61 27.65 13.50
C VAL A 39 -7.14 27.77 13.90
N LEU A 40 -6.70 28.99 14.23
CA LEU A 40 -5.29 29.29 14.56
C LEU A 40 -4.70 28.45 15.73
N VAL A 41 -5.53 28.19 16.73
CA VAL A 41 -5.17 27.31 17.88
C VAL A 41 -4.88 25.85 17.47
N CYS A 42 -5.49 25.33 16.42
CA CYS A 42 -5.18 23.96 16.00
C CYS A 42 -3.75 23.87 15.50
N GLU A 43 -3.00 22.93 16.06
CA GLU A 43 -1.59 22.74 15.73
C GLU A 43 -1.17 21.54 14.89
N LEU A 44 -2.07 20.61 14.63
CA LEU A 44 -1.76 19.45 13.80
C LEU A 44 -0.48 18.71 14.15
N PRO A 45 -0.28 18.47 15.50
CA PRO A 45 0.95 17.75 15.81
C PRO A 45 0.93 16.37 15.21
N SER A 46 2.04 15.99 14.60
CA SER A 46 2.22 14.67 14.01
C SER A 46 1.71 14.54 12.62
N PHE A 47 1.37 15.64 11.97
CA PHE A 47 0.85 15.56 10.64
C PHE A 47 1.70 16.33 9.69
N ASP A 48 2.05 15.69 8.59
CA ASP A 48 2.71 16.39 7.48
C ASP A 48 1.72 16.55 6.33
N VAL A 49 1.10 17.73 6.28
CA VAL A 49 0.10 18.05 5.25
C VAL A 49 0.65 18.01 3.82
N THR A 50 1.96 18.03 3.64
CA THR A 50 2.50 17.96 2.26
C THR A 50 2.74 16.57 1.74
N ASP A 51 2.43 15.54 2.55
CA ASP A 51 2.89 14.18 2.22
C ASP A 51 1.82 13.48 1.44
N VAL A 52 2.19 12.65 0.48
CA VAL A 52 1.18 11.87 -0.30
C VAL A 52 0.38 10.81 0.51
N GLU A 53 0.84 10.51 1.73
CA GLU A 53 0.23 9.54 2.64
C GLU A 53 -0.46 10.24 3.78
N PHE A 54 -0.47 11.56 3.77
CA PHE A 54 -1.31 12.28 4.70
C PHE A 54 -2.75 11.72 4.76
N ASP A 55 -3.28 11.66 5.98
CA ASP A 55 -4.53 10.99 6.27
C ASP A 55 -5.47 11.99 6.93
N LEU A 56 -6.39 12.50 6.13
CA LEU A 56 -7.41 13.45 6.57
C LEU A 56 -8.44 12.82 7.51
N PHE A 57 -8.76 11.56 7.32
CA PHE A 57 -9.66 10.88 8.24
C PHE A 57 -9.07 10.81 9.64
N ARG A 58 -7.78 10.47 9.74
CA ARG A 58 -7.12 10.43 11.05
C ARG A 58 -6.98 11.84 11.62
N ALA A 59 -6.73 12.82 10.76
CA ALA A 59 -6.79 14.23 11.19
C ALA A 59 -8.16 14.64 11.78
N ARG A 60 -9.25 14.16 11.19
CA ARG A 60 -10.59 14.55 11.65
C ARG A 60 -10.88 13.96 13.01
N GLU A 61 -10.55 12.68 13.18
CA GLU A 61 -10.69 11.99 14.48
C GLU A 61 -9.83 12.59 15.57
N SER A 62 -8.75 13.26 15.23
CA SER A 62 -7.78 13.70 16.22
C SER A 62 -8.29 14.74 17.22
N THR A 63 -9.45 15.34 16.98
CA THR A 63 -10.00 16.37 17.88
C THR A 63 -11.48 16.23 17.87
N ASP A 64 -12.16 16.95 18.75
CA ASP A 64 -13.61 17.05 18.71
C ASP A 64 -14.06 18.23 17.83
N LYS A 65 -13.15 18.88 17.09
CA LYS A 65 -13.42 20.08 16.28
C LYS A 65 -12.92 19.82 14.85
N PRO A 66 -13.45 18.76 14.23
CA PRO A 66 -12.86 18.40 12.92
C PRO A 66 -12.91 19.52 11.85
N LEU A 67 -13.91 20.39 11.93
CA LEU A 67 -14.01 21.50 11.00
C LEU A 67 -12.87 22.52 11.13
N ASP A 68 -12.47 22.82 12.35
CA ASP A 68 -11.37 23.75 12.60
C ASP A 68 -10.06 23.15 12.13
N VAL A 69 -9.90 21.86 12.37
CA VAL A 69 -8.69 21.20 11.94
C VAL A 69 -8.60 21.21 10.43
N ALA A 70 -9.69 20.88 9.75
CA ALA A 70 -9.72 20.92 8.28
C ALA A 70 -9.37 22.33 7.73
N ALA A 71 -9.92 23.37 8.36
CA ALA A 71 -9.60 24.74 8.04
C ALA A 71 -8.11 25.03 8.20
N ALA A 72 -7.56 24.52 9.30
CA ALA A 72 -6.15 24.70 9.63
C ALA A 72 -5.26 24.03 8.61
N ILE A 73 -5.69 22.89 8.12
CA ILE A 73 -4.94 22.15 7.11
C ILE A 73 -4.86 22.97 5.84
N ALA A 74 -5.99 23.55 5.42
CA ALA A 74 -6.02 24.31 4.21
C ALA A 74 -5.17 25.55 4.33
N TYR A 75 -5.27 26.18 5.51
CA TYR A 75 -4.49 27.38 5.84
C TYR A 75 -2.99 27.11 5.73
N ARG A 76 -2.57 26.02 6.35
CA ARG A 76 -1.18 25.67 6.35
C ARG A 76 -0.69 25.32 4.97
N LEU A 77 -1.50 24.57 4.22
CA LEU A 77 -1.14 24.23 2.84
C LEU A 77 -0.92 25.50 2.05
N LEU A 78 -1.81 26.49 2.23
CA LEU A 78 -1.71 27.70 1.39
C LEU A 78 -0.51 28.56 1.78
N LEU A 79 -0.35 28.79 3.09
CA LEU A 79 0.82 29.53 3.60
C LEU A 79 2.14 28.87 3.32
N GLY A 80 2.18 27.56 3.47
CA GLY A 80 3.38 26.79 3.21
C GLY A 80 3.85 26.83 1.77
N SER A 81 2.92 27.02 0.83
CA SER A 81 3.28 27.16 -0.58
C SER A 81 4.09 28.44 -0.86
N GLY A 82 3.95 29.43 0.03
CA GLY A 82 4.59 30.71 -0.13
C GLY A 82 3.80 31.64 -1.05
N LEU A 83 2.70 31.14 -1.62
CA LEU A 83 2.02 31.83 -2.74
C LEU A 83 1.14 33.03 -2.35
N PRO A 84 0.30 32.91 -1.30
CA PRO A 84 -0.56 34.06 -0.96
C PRO A 84 0.21 35.35 -0.73
N GLN A 85 1.24 35.27 0.10
CA GLN A 85 2.20 36.35 0.37
C GLN A 85 2.65 37.04 -0.94
N LYS A 86 3.11 36.25 -1.91
CA LYS A 86 3.57 36.81 -3.17
C LYS A 86 2.51 37.59 -3.99
N PHE A 87 1.22 37.34 -3.76
CA PHE A 87 0.19 38.00 -4.52
C PHE A 87 -0.65 38.92 -3.62
N GLY A 88 -0.09 39.34 -2.50
CA GLY A 88 -0.71 40.36 -1.69
C GLY A 88 -1.92 39.90 -0.95
N CYS A 89 -1.99 38.61 -0.65
CA CYS A 89 -3.05 38.09 0.16
C CYS A 89 -2.52 37.89 1.55
N SER A 90 -2.97 38.73 2.46
CA SER A 90 -2.55 38.62 3.85
C SER A 90 -3.03 37.31 4.46
N ASP A 91 -2.45 36.99 5.60
CA ASP A 91 -2.85 35.82 6.38
C ASP A 91 -4.29 35.88 6.79
N GLU A 92 -4.75 37.05 7.20
CA GLU A 92 -6.12 37.20 7.66
C GLU A 92 -7.15 37.01 6.52
N VAL A 93 -6.89 37.59 5.35
CA VAL A 93 -7.83 37.51 4.25
C VAL A 93 -7.97 36.06 3.79
N LEU A 94 -6.81 35.36 3.75
CA LEU A 94 -6.75 33.94 3.40
C LEU A 94 -7.62 33.10 4.32
N LEU A 95 -7.45 33.31 5.62
CA LEU A 95 -8.25 32.58 6.60
C LEU A 95 -9.76 32.94 6.51
N ASN A 96 -10.08 34.21 6.27
CA ASN A 96 -11.48 34.61 6.10
C ASN A 96 -12.11 33.84 4.94
N PHE A 97 -11.37 33.84 3.83
CA PHE A 97 -11.78 33.14 2.65
C PHE A 97 -12.04 31.66 2.93
N ILE A 98 -11.13 31.03 3.65
CA ILE A 98 -11.31 29.63 4.00
C ILE A 98 -12.59 29.41 4.77
N LEU A 99 -12.87 30.29 5.73
CA LEU A 99 -14.04 30.16 6.60
C LEU A 99 -15.34 30.51 5.92
N GLN A 100 -15.30 31.49 5.02
CA GLN A 100 -16.44 31.72 4.13
C GLN A 100 -16.78 30.52 3.26
N CYS A 101 -15.76 29.86 2.69
CA CYS A 101 -15.98 28.63 1.92
C CYS A 101 -16.63 27.55 2.82
N ARG A 102 -16.12 27.46 4.04
CA ARG A 102 -16.54 26.42 4.97
C ARG A 102 -18.00 26.55 5.37
N LYS A 103 -18.43 27.78 5.65
CA LYS A 103 -19.85 28.05 5.94
C LYS A 103 -20.81 27.60 4.83
N LYS A 104 -20.34 27.49 3.59
CA LYS A 104 -21.19 27.14 2.49
C LYS A 104 -21.13 25.68 2.09
N TYR A 105 -20.48 24.83 2.88
CA TYR A 105 -20.54 23.39 2.61
C TYR A 105 -21.52 22.83 3.58
N ARG A 106 -22.18 21.78 3.15
CA ARG A 106 -23.24 21.15 3.93
C ARG A 106 -22.81 19.89 4.59
N ASN A 107 -23.66 19.43 5.46
CA ASN A 107 -23.43 18.22 6.19
C ASN A 107 -23.91 17.07 5.35
N VAL A 108 -23.14 16.72 4.33
CA VAL A 108 -23.48 15.58 3.48
C VAL A 108 -22.36 14.57 3.65
N PRO A 109 -22.64 13.27 3.27
CA PRO A 109 -21.55 12.32 3.50
C PRO A 109 -20.30 12.46 2.63
N TYR A 110 -20.37 12.94 1.41
CA TYR A 110 -19.16 13.05 0.61
C TYR A 110 -18.80 14.46 0.22
N HIS A 111 -19.68 15.15 -0.46
CA HIS A 111 -19.37 16.50 -0.87
C HIS A 111 -19.48 17.53 0.22
N ASN A 112 -18.68 17.37 1.25
CA ASN A 112 -18.68 18.29 2.33
C ASN A 112 -17.38 19.04 2.29
N PHE A 113 -17.05 19.75 3.35
CA PHE A 113 -15.82 20.52 3.42
C PHE A 113 -14.56 19.67 3.45
N TYR A 114 -14.65 18.47 3.97
CA TYR A 114 -13.50 17.61 4.05
C TYR A 114 -13.07 17.20 2.64
N HIS A 115 -14.03 17.00 1.76
CA HIS A 115 -13.70 16.68 0.38
C HIS A 115 -12.88 17.77 -0.31
N VAL A 116 -13.25 19.01 -0.09
CA VAL A 116 -12.58 20.07 -0.85
C VAL A 116 -11.21 20.34 -0.22
N VAL A 117 -11.07 20.12 1.09
CA VAL A 117 -9.79 20.21 1.76
C VAL A 117 -8.91 19.07 1.25
N ASP A 118 -9.51 17.90 1.08
CA ASP A 118 -8.80 16.76 0.53
C ASP A 118 -8.27 17.08 -0.86
N VAL A 119 -9.10 17.68 -1.71
CA VAL A 119 -8.71 18.02 -3.08
C VAL A 119 -7.62 19.10 -3.10
N CYS A 120 -7.73 20.08 -2.21
CA CYS A 120 -6.69 21.06 -2.04
C CYS A 120 -5.31 20.43 -1.70
N GLN A 121 -5.34 19.52 -0.72
CA GLN A 121 -4.16 18.85 -0.24
C GLN A 121 -3.59 17.97 -1.33
N THR A 122 -4.48 17.27 -2.04
CA THR A 122 -4.05 16.38 -3.07
C THR A 122 -3.39 17.19 -4.17
N ILE A 123 -3.98 18.34 -4.48
CA ILE A 123 -3.43 19.17 -5.59
C ILE A 123 -2.03 19.67 -5.24
N HIS A 124 -1.85 20.07 -3.97
CA HIS A 124 -0.56 20.44 -3.42
C HIS A 124 0.45 19.34 -3.72
N THR A 125 0.07 18.11 -3.44
CA THR A 125 0.98 17.01 -3.72
C THR A 125 1.29 16.86 -5.20
N PHE A 126 0.29 17.01 -6.07
CA PHE A 126 0.56 16.87 -7.50
C PHE A 126 1.51 17.96 -8.03
N LEU A 127 1.32 19.16 -7.53
CA LEU A 127 2.15 20.28 -7.92
C LEU A 127 3.59 20.11 -7.41
N TYR A 128 3.73 19.81 -6.11
CA TYR A 128 5.05 19.90 -5.43
C TYR A 128 5.85 18.60 -5.28
N ARG A 129 5.18 17.50 -4.98
CA ARG A 129 5.79 16.19 -5.02
C ARG A 129 5.78 15.67 -6.45
N GLY A 130 4.75 15.96 -7.24
CA GLY A 130 4.73 15.50 -8.62
C GLY A 130 5.36 16.47 -9.59
N ASN A 131 5.81 17.61 -9.11
CA ASN A 131 6.54 18.63 -9.93
C ASN A 131 5.74 19.20 -11.10
N VAL A 132 4.41 19.12 -10.96
CA VAL A 132 3.55 19.77 -11.93
C VAL A 132 3.68 21.30 -11.81
N TYR A 133 4.15 21.82 -10.67
CA TYR A 133 4.38 23.27 -10.54
C TYR A 133 5.25 23.76 -11.73
N GLU A 134 6.15 22.93 -12.21
CA GLU A 134 7.06 23.34 -13.30
C GLU A 134 6.33 23.70 -14.57
N LYS A 135 5.13 23.18 -14.75
CA LYS A 135 4.32 23.41 -15.97
C LYS A 135 3.46 24.72 -15.93
N LEU A 136 3.39 25.38 -14.76
CA LEU A 136 2.48 26.47 -14.50
C LEU A 136 3.17 27.69 -13.85
N THR A 137 2.55 28.85 -13.92
CA THR A 137 3.14 30.01 -13.28
C THR A 137 2.81 29.89 -11.80
N GLU A 138 3.42 30.74 -10.98
CA GLU A 138 3.05 30.76 -9.59
C GLU A 138 1.61 31.13 -9.39
N LEU A 139 1.11 32.09 -10.17
CA LEU A 139 -0.32 32.52 -10.04
C LEU A 139 -1.27 31.37 -10.29
N GLU A 140 -0.96 30.60 -11.33
CA GLU A 140 -1.74 29.42 -11.65
C GLU A 140 -1.76 28.40 -10.53
N CYS A 141 -0.63 28.19 -9.87
CA CYS A 141 -0.54 27.29 -8.73
C CYS A 141 -1.38 27.82 -7.59
N PHE A 142 -1.29 29.12 -7.35
CA PHE A 142 -2.09 29.74 -6.30
C PHE A 142 -3.60 29.56 -6.62
N VAL A 143 -3.97 29.87 -7.85
CA VAL A 143 -5.37 29.74 -8.23
C VAL A 143 -5.90 28.32 -8.03
N LEU A 144 -5.11 27.33 -8.46
CA LEU A 144 -5.53 25.94 -8.28
C LEU A 144 -5.79 25.58 -6.81
N LEU A 145 -4.90 25.98 -5.92
CA LEU A 145 -5.11 25.66 -4.50
C LEU A 145 -6.37 26.32 -3.92
N ILE A 146 -6.60 27.55 -4.33
CA ILE A 146 -7.82 28.28 -3.94
C ILE A 146 -9.05 27.62 -4.56
N THR A 147 -8.96 27.29 -5.86
CA THR A 147 -10.11 26.77 -6.58
C THR A 147 -10.58 25.45 -5.97
N ALA A 148 -9.64 24.68 -5.47
CA ALA A 148 -10.01 23.44 -4.80
C ALA A 148 -11.05 23.68 -3.70
N LEU A 149 -10.90 24.76 -2.97
CA LEU A 149 -11.79 25.01 -1.84
C LEU A 149 -13.17 25.52 -2.23
N VAL A 150 -13.31 26.09 -3.44
CA VAL A 150 -14.62 26.55 -3.93
C VAL A 150 -15.38 25.56 -4.83
N HIS A 151 -14.75 24.48 -5.28
CA HIS A 151 -15.19 23.81 -6.50
C HIS A 151 -16.48 22.95 -6.32
N ASP A 152 -16.92 22.75 -5.09
CA ASP A 152 -18.15 22.01 -4.77
C ASP A 152 -19.07 22.81 -3.78
N LEU A 153 -18.87 24.11 -3.68
CA LEU A 153 -19.68 24.95 -2.79
C LEU A 153 -21.18 24.74 -2.79
N ASP A 154 -21.72 24.46 -1.62
CA ASP A 154 -23.14 24.27 -1.47
C ASP A 154 -23.73 23.07 -2.16
N HIS A 155 -22.98 21.99 -2.25
CA HIS A 155 -23.46 20.72 -2.83
C HIS A 155 -24.42 20.10 -1.81
N MET A 156 -25.47 19.46 -2.30
CA MET A 156 -26.64 19.04 -1.49
C MET A 156 -26.71 17.48 -1.46
N GLY A 157 -25.65 16.85 -1.95
CA GLY A 157 -25.56 15.43 -2.18
C GLY A 157 -26.33 14.81 -3.33
N LEU A 158 -26.69 15.66 -4.29
CA LEU A 158 -27.48 15.28 -5.43
C LEU A 158 -26.72 15.77 -6.67
N ASN A 159 -26.65 14.91 -7.66
CA ASN A 159 -25.90 15.21 -8.85
C ASN A 159 -26.74 15.96 -9.88
N ASN A 160 -26.12 16.36 -10.98
CA ASN A 160 -26.79 17.20 -11.96
C ASN A 160 -28.03 16.51 -12.49
N SER A 161 -27.85 15.24 -12.80
CA SER A 161 -28.92 14.40 -13.29
C SER A 161 -30.21 14.45 -12.42
N PHE A 162 -30.06 14.45 -11.10
CA PHE A 162 -31.22 14.49 -10.21
C PHE A 162 -32.09 15.72 -10.50
N TYR A 163 -31.44 16.89 -10.55
CA TYR A 163 -32.10 18.17 -10.80
C TYR A 163 -32.83 18.21 -12.15
N LEU A 164 -32.24 17.60 -13.19
CA LEU A 164 -32.87 17.60 -14.48
C LEU A 164 -34.05 16.60 -14.52
N LYS A 165 -33.81 15.35 -14.13
CA LYS A 165 -34.88 14.35 -14.13
C LYS A 165 -36.05 14.78 -13.29
N THR A 166 -35.82 15.39 -12.15
CA THR A 166 -36.94 15.80 -11.30
C THR A 166 -37.60 17.16 -11.66
N GLU A 167 -37.15 17.81 -12.75
CA GLU A 167 -37.53 19.19 -13.13
C GLU A 167 -37.59 20.14 -11.93
N SER A 168 -36.56 20.07 -11.09
CA SER A 168 -36.43 20.97 -9.95
C SER A 168 -36.16 22.38 -10.54
N PRO A 169 -36.49 23.44 -9.78
CA PRO A 169 -36.22 24.80 -10.22
C PRO A 169 -34.82 25.04 -10.82
N LEU A 170 -33.74 24.64 -10.14
CA LEU A 170 -32.35 24.79 -10.72
C LEU A 170 -32.18 24.04 -12.04
N GLY A 171 -32.78 22.87 -12.13
CA GLY A 171 -32.69 22.09 -13.38
C GLY A 171 -33.37 22.83 -14.52
N ILE A 172 -34.54 23.40 -14.21
CA ILE A 172 -35.33 24.13 -15.19
C ILE A 172 -34.53 25.33 -15.67
N LEU A 173 -33.96 26.07 -14.71
CA LEU A 173 -33.13 27.22 -15.03
C LEU A 173 -31.92 26.89 -15.91
N SER A 174 -31.29 25.75 -15.63
CA SER A 174 -30.16 25.28 -16.44
C SER A 174 -30.60 24.89 -17.82
N SER A 175 -31.70 24.16 -17.96
CA SER A 175 -32.21 23.83 -19.28
C SER A 175 -32.51 25.11 -20.03
N ALA A 176 -33.28 26.03 -19.39
CA ALA A 176 -33.71 27.29 -20.05
C ALA A 176 -32.50 28.09 -20.53
N SER A 177 -31.46 28.19 -19.69
CA SER A 177 -30.28 28.96 -20.05
C SER A 177 -29.26 28.22 -20.92
N GLY A 178 -29.52 26.98 -21.31
CA GLY A 178 -28.60 26.24 -22.17
C GLY A 178 -27.38 25.59 -21.52
N ASN A 179 -27.15 25.76 -20.20
CA ASN A 179 -26.04 25.09 -19.51
C ASN A 179 -26.48 23.95 -18.60
N THR A 180 -26.24 22.76 -19.13
CA THR A 180 -26.45 21.51 -18.44
C THR A 180 -25.63 21.26 -17.11
N SER A 181 -24.54 21.97 -16.91
CA SER A 181 -23.73 21.81 -15.71
C SER A 181 -24.34 22.50 -14.51
N VAL A 182 -25.43 21.93 -14.03
CA VAL A 182 -26.27 22.58 -13.03
C VAL A 182 -25.44 22.94 -11.82
N LEU A 183 -24.69 22.00 -11.24
CA LEU A 183 -24.01 22.28 -9.96
C LEU A 183 -22.79 23.17 -10.13
N GLU A 184 -22.08 22.96 -11.22
CA GLU A 184 -20.81 23.63 -11.42
C GLU A 184 -21.00 25.12 -11.58
N VAL A 185 -22.04 25.49 -12.34
CA VAL A 185 -22.42 26.91 -12.47
C VAL A 185 -22.81 27.47 -11.09
N HIS A 186 -23.55 26.71 -10.29
CA HIS A 186 -23.91 27.14 -8.93
C HIS A 186 -22.68 27.35 -8.08
N HIS A 187 -21.69 26.44 -8.19
CA HIS A 187 -20.47 26.59 -7.36
C HIS A 187 -19.78 27.88 -7.76
N CYS A 188 -19.65 28.13 -9.08
CA CYS A 188 -18.92 29.31 -9.56
C CYS A 188 -19.60 30.60 -9.07
N ASN A 189 -20.93 30.57 -9.09
CA ASN A 189 -21.71 31.70 -8.57
C ASN A 189 -21.39 32.01 -7.12
N LEU A 190 -21.29 30.99 -6.29
CA LEU A 190 -21.03 31.26 -4.90
C LEU A 190 -19.57 31.62 -4.67
N ALA A 191 -18.68 31.18 -5.54
CA ALA A 191 -17.28 31.56 -5.43
C ALA A 191 -17.15 33.06 -5.65
N VAL A 192 -17.67 33.51 -6.80
CA VAL A 192 -17.70 34.92 -7.18
C VAL A 192 -18.32 35.77 -6.04
N GLU A 193 -19.37 35.27 -5.44
CA GLU A 193 -19.98 35.93 -4.27
C GLU A 193 -18.97 36.12 -3.14
N ILE A 194 -18.26 35.07 -2.74
CA ILE A 194 -17.30 35.19 -1.65
C ILE A 194 -16.15 36.16 -1.97
N LEU A 195 -15.68 36.11 -3.20
CA LEU A 195 -14.56 36.92 -3.62
C LEU A 195 -14.91 38.39 -3.84
N SER A 196 -16.18 38.72 -3.90
CA SER A 196 -16.61 40.11 -4.13
C SER A 196 -16.49 40.99 -2.84
N ASP A 197 -16.46 40.35 -1.67
CA ASP A 197 -16.07 40.96 -0.40
C ASP A 197 -14.52 41.01 -0.28
N PRO A 198 -13.93 42.24 -0.26
CA PRO A 198 -12.45 42.38 -0.08
C PRO A 198 -11.87 41.67 1.15
N GLU A 199 -12.64 41.52 2.21
CA GLU A 199 -12.23 40.79 3.41
C GLU A 199 -11.88 39.33 3.14
N SER A 200 -12.48 38.75 2.10
CA SER A 200 -12.22 37.39 1.72
C SER A 200 -11.81 37.23 0.24
N ASP A 201 -11.34 38.31 -0.38
CA ASP A 201 -10.93 38.23 -1.77
C ASP A 201 -9.45 37.92 -1.78
N VAL A 202 -9.14 36.64 -1.82
CA VAL A 202 -7.76 36.20 -1.96
C VAL A 202 -7.11 36.72 -3.24
N PHE A 203 -7.89 37.29 -4.16
CA PHE A 203 -7.35 37.86 -5.39
C PHE A 203 -7.29 39.37 -5.43
N ASP A 204 -7.53 40.00 -4.28
CA ASP A 204 -7.59 41.47 -4.24
C ASP A 204 -6.24 42.14 -4.52
N GLY A 205 -5.17 41.46 -4.21
CA GLY A 205 -3.84 41.93 -4.58
C GLY A 205 -3.55 41.91 -6.05
N LEU A 206 -4.45 41.40 -6.87
CA LEU A 206 -4.21 41.31 -8.32
C LEU A 206 -4.91 42.43 -9.06
N GLU A 207 -4.47 42.67 -10.28
CA GLU A 207 -5.16 43.59 -11.15
C GLU A 207 -4.91 43.29 -12.62
N GLY A 208 -5.73 43.90 -13.48
CA GLY A 208 -5.56 43.82 -14.91
C GLY A 208 -5.65 42.40 -15.38
N ALA A 209 -4.77 42.02 -16.29
CA ALA A 209 -4.79 40.69 -16.85
C ALA A 209 -4.67 39.59 -15.75
N GLU A 210 -3.89 39.80 -14.71
CA GLU A 210 -3.72 38.78 -13.69
C GLU A 210 -5.02 38.51 -12.99
N ARG A 211 -5.74 39.55 -12.58
CA ARG A 211 -7.01 39.34 -11.86
C ARG A 211 -8.01 38.62 -12.75
N THR A 212 -8.07 39.04 -14.00
CA THR A 212 -8.89 38.39 -14.95
C THR A 212 -8.54 36.89 -15.12
N LEU A 213 -7.24 36.58 -15.34
CA LEU A 213 -6.78 35.19 -15.49
C LEU A 213 -7.15 34.43 -14.21
N ALA A 214 -7.03 35.05 -13.05
CA ALA A 214 -7.38 34.30 -11.84
C ALA A 214 -8.82 33.84 -11.82
N PHE A 215 -9.76 34.76 -12.10
CA PHE A 215 -11.16 34.44 -12.13
C PHE A 215 -11.49 33.51 -13.29
N ARG A 216 -10.96 33.80 -14.47
CA ARG A 216 -11.31 32.97 -15.62
C ARG A 216 -10.86 31.53 -15.40
N SER A 217 -9.61 31.36 -14.94
CA SER A 217 -9.03 30.06 -14.77
C SER A 217 -9.73 29.33 -13.62
N MET A 218 -10.10 30.04 -12.56
CA MET A 218 -10.86 29.39 -11.48
C MET A 218 -12.17 28.83 -11.98
N ILE A 219 -12.89 29.67 -12.71
CA ILE A 219 -14.17 29.30 -13.27
C ILE A 219 -14.06 28.17 -14.30
N ASP A 220 -13.15 28.31 -15.27
CA ASP A 220 -12.92 27.24 -16.23
C ASP A 220 -12.65 25.88 -15.57
N CYS A 221 -11.79 25.87 -14.55
CA CYS A 221 -11.48 24.67 -13.80
C CYS A 221 -12.70 24.05 -13.15
N VAL A 222 -13.51 24.84 -12.46
CA VAL A 222 -14.72 24.31 -11.81
C VAL A 222 -15.72 23.75 -12.85
N LEU A 223 -15.95 24.49 -13.93
CA LEU A 223 -16.82 23.99 -15.00
C LEU A 223 -16.31 22.66 -15.59
N ALA A 224 -14.99 22.47 -15.62
CA ALA A 224 -14.41 21.23 -16.14
C ALA A 224 -14.54 20.04 -15.18
N THR A 225 -14.97 20.23 -13.95
CA THR A 225 -15.19 19.10 -13.02
C THR A 225 -16.49 18.36 -13.23
N ASP A 226 -17.37 18.87 -14.12
CA ASP A 226 -18.57 18.15 -14.51
C ASP A 226 -18.15 16.88 -15.28
N MET A 227 -18.47 15.68 -14.76
CA MET A 227 -17.95 14.43 -15.35
C MET A 227 -18.54 14.11 -16.69
N ALA A 228 -19.63 14.78 -17.05
CA ALA A 228 -20.17 14.72 -18.40
C ALA A 228 -19.15 15.18 -19.42
N LYS A 229 -18.23 16.06 -19.04
CA LYS A 229 -17.20 16.59 -19.97
C LYS A 229 -15.85 15.85 -19.80
N HIS A 230 -15.83 14.77 -19.04
CA HIS A 230 -14.57 14.10 -18.70
C HIS A 230 -13.73 13.69 -19.95
N GLY A 231 -14.36 12.97 -20.87
CA GLY A 231 -13.69 12.41 -22.01
C GLY A 231 -13.10 13.49 -22.87
N SER A 232 -13.86 14.54 -23.12
CA SER A 232 -13.41 15.58 -24.01
C SER A 232 -12.31 16.48 -23.38
N ALA A 233 -12.38 16.74 -22.08
CA ALA A 233 -11.33 17.46 -21.35
C ALA A 233 -10.01 16.68 -21.40
N LEU A 234 -10.09 15.39 -21.19
CA LEU A 234 -8.92 14.54 -21.32
C LEU A 234 -8.35 14.54 -22.71
N GLU A 235 -9.20 14.36 -23.71
CA GLU A 235 -8.72 14.36 -25.09
C GLU A 235 -8.11 15.69 -25.50
N ALA A 236 -8.71 16.79 -25.06
CA ALA A 236 -8.15 18.11 -25.32
C ALA A 236 -6.75 18.30 -24.70
N PHE A 237 -6.62 17.99 -23.41
CA PHE A 237 -5.33 18.07 -22.74
C PHE A 237 -4.26 17.24 -23.44
N LEU A 238 -4.58 16.01 -23.77
CA LEU A 238 -3.62 15.10 -24.38
C LEU A 238 -3.20 15.56 -25.73
N ALA A 239 -4.14 16.14 -26.48
CA ALA A 239 -3.83 16.58 -27.83
C ALA A 239 -2.94 17.80 -27.76
N SER A 240 -3.17 18.66 -26.77
CA SER A 240 -2.35 19.81 -26.56
C SER A 240 -0.95 19.42 -26.14
N ALA A 241 -0.83 18.51 -25.16
CA ALA A 241 0.47 18.07 -24.67
C ALA A 241 1.30 17.39 -25.75
N ALA A 242 0.66 16.69 -26.68
CA ALA A 242 1.44 16.09 -27.80
C ALA A 242 1.82 17.06 -28.88
N ASP A 243 1.29 18.28 -28.81
CA ASP A 243 1.45 19.28 -29.90
C ASP A 243 2.49 20.29 -29.43
N GLN A 244 3.71 20.16 -29.97
CA GLN A 244 4.75 21.12 -29.60
C GLN A 244 4.44 22.54 -30.06
N SER A 245 3.44 22.78 -30.91
CA SER A 245 2.99 24.10 -31.32
C SER A 245 1.66 24.45 -30.66
N SER A 246 1.19 23.70 -29.66
CA SER A 246 -0.01 24.14 -28.96
C SER A 246 0.16 25.57 -28.46
N ASP A 247 -0.90 26.32 -28.51
CA ASP A 247 -0.85 27.62 -27.89
C ASP A 247 -0.54 27.46 -26.39
N GLU A 248 0.44 28.17 -25.89
CA GLU A 248 0.92 28.05 -24.50
C GLU A 248 -0.11 28.37 -23.46
N ALA A 249 -0.84 29.44 -23.67
CA ALA A 249 -1.89 29.84 -22.74
C ALA A 249 -2.96 28.73 -22.63
N ALA A 250 -3.38 28.21 -23.77
CA ALA A 250 -4.31 27.11 -23.83
C ALA A 250 -3.77 25.87 -23.09
N PHE A 251 -2.53 25.47 -23.35
CA PHE A 251 -1.90 24.32 -22.61
C PHE A 251 -1.92 24.53 -21.09
N HIS A 252 -1.62 25.76 -20.68
CA HIS A 252 -1.61 26.07 -19.26
C HIS A 252 -2.98 25.86 -18.69
N ARG A 253 -3.97 26.44 -19.35
CA ARG A 253 -5.34 26.34 -18.90
C ARG A 253 -5.79 24.89 -18.79
N MET A 254 -5.53 24.10 -19.82
CA MET A 254 -5.85 22.69 -19.80
C MET A 254 -5.15 21.89 -18.74
N THR A 255 -3.89 22.24 -18.48
CA THR A 255 -3.14 21.64 -17.41
C THR A 255 -3.83 21.90 -16.08
N MET A 256 -4.22 23.15 -15.83
CA MET A 256 -5.00 23.49 -14.61
C MET A 256 -6.29 22.68 -14.46
N GLU A 257 -7.02 22.58 -15.56
CA GLU A 257 -8.27 21.83 -15.60
C GLU A 257 -8.03 20.37 -15.29
N ILE A 258 -7.00 19.79 -15.94
CA ILE A 258 -6.70 18.41 -15.73
C ILE A 258 -6.26 18.13 -14.28
N ILE A 259 -5.61 19.09 -13.64
CA ILE A 259 -5.15 18.91 -12.28
C ILE A 259 -6.27 18.98 -11.28
N LEU A 260 -7.23 19.91 -11.46
CA LEU A 260 -8.40 19.91 -10.57
C LEU A 260 -9.23 18.66 -10.80
N LYS A 261 -9.42 18.25 -12.06
CA LYS A 261 -10.11 17.00 -12.30
C LYS A 261 -9.42 15.82 -11.59
N ALA A 262 -8.09 15.78 -11.74
CA ALA A 262 -7.27 14.77 -11.08
C ALA A 262 -7.44 14.72 -9.56
N GLY A 263 -7.38 15.86 -8.90
CA GLY A 263 -7.70 15.90 -7.48
C GLY A 263 -9.10 15.37 -7.16
N ASP A 264 -10.06 15.69 -8.04
CA ASP A 264 -11.43 15.33 -7.81
C ASP A 264 -11.70 13.83 -7.92
N ILE A 265 -10.94 13.12 -8.77
CA ILE A 265 -10.98 11.67 -8.80
C ILE A 265 -9.74 10.98 -8.21
N SER A 266 -9.11 11.62 -7.26
CA SER A 266 -7.90 11.12 -6.62
C SER A 266 -8.08 10.12 -5.45
N ASN A 267 -9.33 9.85 -5.04
CA ASN A 267 -9.57 8.93 -3.93
C ASN A 267 -8.87 7.58 -4.10
N VAL A 268 -8.86 7.05 -5.31
CA VAL A 268 -8.20 5.78 -5.60
C VAL A 268 -6.66 5.81 -5.75
N THR A 269 -6.03 6.99 -5.61
CA THR A 269 -4.59 7.11 -5.63
C THR A 269 -4.04 7.17 -4.21
N LYS A 270 -4.88 6.99 -3.19
CA LYS A 270 -4.48 7.12 -1.80
C LYS A 270 -4.23 5.75 -1.19
N PRO A 271 -3.53 5.71 -0.04
CA PRO A 271 -3.38 4.46 0.71
C PRO A 271 -4.73 3.78 0.90
N PHE A 272 -4.76 2.48 0.67
CA PHE A 272 -5.98 1.70 0.61
C PHE A 272 -7.03 2.03 1.68
N ASP A 273 -6.63 2.15 2.94
CA ASP A 273 -7.64 2.42 3.97
C ASP A 273 -8.27 3.78 3.80
N ILE A 274 -7.50 4.75 3.31
CA ILE A 274 -8.01 6.07 3.03
C ILE A 274 -8.94 6.02 1.82
N SER A 275 -8.51 5.36 0.75
CA SER A 275 -9.32 5.11 -0.46
C SER A 275 -10.66 4.46 -0.16
N ARG A 276 -10.64 3.48 0.75
CA ARG A 276 -11.85 2.75 1.17
C ARG A 276 -12.80 3.64 1.93
N GLN A 277 -12.29 4.39 2.89
CA GLN A 277 -13.17 5.31 3.62
C GLN A 277 -13.86 6.34 2.69
N TRP A 278 -13.15 6.86 1.69
CA TRP A 278 -13.76 7.72 0.70
C TRP A 278 -14.85 6.97 -0.07
N ALA A 279 -14.56 5.77 -0.53
CA ALA A 279 -15.53 5.01 -1.31
C ALA A 279 -16.86 4.79 -0.50
N MET A 280 -16.74 4.65 0.81
CA MET A 280 -17.86 4.42 1.69
C MET A 280 -18.74 5.65 1.77
N ALA A 281 -18.09 6.77 1.94
CA ALA A 281 -18.75 8.05 2.02
C ALA A 281 -19.50 8.37 0.75
N VAL A 282 -18.88 8.16 -0.38
CA VAL A 282 -19.51 8.48 -1.63
C VAL A 282 -20.64 7.56 -1.92
N THR A 283 -20.47 6.31 -1.55
CA THR A 283 -21.46 5.30 -1.78
C THR A 283 -22.70 5.63 -1.01
N GLU A 284 -22.53 6.05 0.21
CA GLU A 284 -23.68 6.37 1.03
C GLU A 284 -24.44 7.52 0.38
N GLU A 285 -23.72 8.55 -0.07
CA GLU A 285 -24.34 9.73 -0.66
C GLU A 285 -25.10 9.38 -1.94
N PHE A 286 -24.51 8.58 -2.81
CA PHE A 286 -25.21 8.06 -3.97
C PHE A 286 -26.50 7.33 -3.54
N TYR A 287 -26.43 6.53 -2.47
CA TYR A 287 -27.60 5.74 -2.05
C TYR A 287 -28.74 6.63 -1.59
N ARG A 288 -28.41 7.71 -0.90
CA ARG A 288 -29.40 8.67 -0.47
C ARG A 288 -30.05 9.35 -1.68
N GLN A 289 -29.26 9.61 -2.74
CA GLN A 289 -29.84 10.21 -3.94
C GLN A 289 -30.87 9.23 -4.49
N GLY A 290 -30.51 7.96 -4.63
CA GLY A 290 -31.43 6.91 -5.11
C GLY A 290 -32.70 6.75 -4.28
N ASP A 291 -32.59 6.96 -2.96
CA ASP A 291 -33.72 6.98 -2.02
C ASP A 291 -34.69 8.12 -2.33
N MET A 292 -34.16 9.32 -2.40
CA MET A 292 -34.96 10.46 -2.86
C MET A 292 -35.54 10.31 -4.30
N GLU A 293 -34.87 9.60 -5.21
CA GLU A 293 -35.43 9.39 -6.56
C GLU A 293 -36.63 8.43 -6.55
N LYS A 294 -36.52 7.41 -5.71
CA LYS A 294 -37.53 6.40 -5.52
C LYS A 294 -38.75 7.10 -5.02
N GLU A 295 -38.59 7.73 -3.88
CA GLU A 295 -39.66 8.45 -3.26
C GLU A 295 -40.36 9.33 -4.26
N ARG A 296 -39.61 10.00 -5.12
CA ARG A 296 -40.16 10.91 -6.11
C ARG A 296 -40.49 10.24 -7.40
N GLY A 297 -40.46 8.93 -7.43
CA GLY A 297 -40.77 8.21 -8.63
C GLY A 297 -39.96 8.47 -9.87
N VAL A 298 -38.67 8.82 -9.75
CA VAL A 298 -37.88 9.00 -10.96
C VAL A 298 -36.92 7.85 -11.10
N GLU A 299 -36.32 7.72 -12.27
CA GLU A 299 -35.40 6.64 -12.55
C GLU A 299 -34.18 6.54 -11.61
N VAL A 300 -34.01 5.40 -10.94
CA VAL A 300 -32.83 5.17 -10.09
C VAL A 300 -31.82 4.27 -10.84
N LEU A 301 -30.61 4.78 -11.09
CA LEU A 301 -29.55 3.95 -11.70
C LEU A 301 -29.01 2.90 -10.68
N PRO A 302 -28.46 1.75 -11.20
CA PRO A 302 -28.00 0.65 -10.32
C PRO A 302 -27.02 1.10 -9.23
N MET A 303 -25.99 1.87 -9.64
CA MET A 303 -25.03 2.52 -8.72
C MET A 303 -25.65 3.26 -7.52
N PHE A 304 -26.85 3.81 -7.71
CA PHE A 304 -27.48 4.68 -6.69
C PHE A 304 -28.51 3.94 -5.89
N ASP A 305 -28.73 2.66 -6.23
CA ASP A 305 -29.82 1.84 -5.68
C ASP A 305 -29.38 0.91 -4.52
N ARG A 306 -29.76 1.20 -3.27
CA ARG A 306 -29.45 0.32 -2.10
C ARG A 306 -29.87 -1.14 -2.28
N SER A 307 -31.07 -1.36 -2.80
CA SER A 307 -31.62 -2.70 -3.00
C SER A 307 -30.77 -3.56 -3.94
N LYS A 308 -29.88 -2.95 -4.70
CA LYS A 308 -29.12 -3.74 -5.63
C LYS A 308 -27.77 -4.28 -5.17
N ASN A 309 -26.84 -3.38 -4.98
CA ASN A 309 -25.50 -3.79 -4.58
C ASN A 309 -25.34 -4.30 -3.20
N MET A 310 -24.19 -4.93 -3.02
CA MET A 310 -23.72 -5.48 -1.77
C MET A 310 -22.21 -5.51 -1.87
N GLU A 311 -21.61 -4.69 -2.75
CA GLU A 311 -20.19 -4.76 -2.94
C GLU A 311 -19.32 -3.63 -3.48
N LEU A 312 -18.57 -3.05 -2.58
CA LEU A 312 -17.62 -2.00 -2.86
C LEU A 312 -16.53 -2.48 -3.83
N ALA A 313 -15.90 -3.59 -3.51
CA ALA A 313 -14.82 -4.12 -4.32
C ALA A 313 -15.00 -4.06 -5.80
N LYS A 314 -16.12 -4.58 -6.27
CA LYS A 314 -16.39 -4.58 -7.71
C LYS A 314 -16.58 -3.13 -8.21
N GLY A 315 -17.14 -2.26 -7.39
CA GLY A 315 -17.37 -0.90 -7.79
C GLY A 315 -16.07 -0.16 -7.96
N GLN A 316 -15.23 -0.27 -6.94
CA GLN A 316 -13.93 0.37 -6.98
C GLN A 316 -13.09 -0.13 -8.14
N ILE A 317 -13.08 -1.43 -8.39
CA ILE A 317 -12.36 -1.99 -9.53
C ILE A 317 -12.91 -1.45 -10.86
N GLY A 318 -14.24 -1.35 -10.95
CA GLY A 318 -14.87 -0.82 -12.18
C GLY A 318 -14.50 0.63 -12.42
N PHE A 319 -14.58 1.43 -11.36
CA PHE A 319 -14.18 2.83 -11.43
C PHE A 319 -12.69 2.98 -11.84
N ILE A 320 -11.82 2.19 -11.22
CA ILE A 320 -10.43 2.08 -11.61
C ILE A 320 -10.26 1.71 -13.07
N ASP A 321 -10.93 0.67 -13.54
CA ASP A 321 -10.67 0.22 -14.91
C ASP A 321 -11.18 1.16 -15.96
N PHE A 322 -12.36 1.73 -15.73
CA PHE A 322 -13.04 2.51 -16.77
C PHE A 322 -12.79 4.01 -16.68
N VAL A 323 -12.55 4.53 -15.47
CA VAL A 323 -12.30 5.95 -15.27
C VAL A 323 -10.86 6.32 -14.86
N ALA A 324 -10.46 5.96 -13.64
CA ALA A 324 -9.22 6.47 -13.01
C ALA A 324 -7.89 5.95 -13.51
N ALA A 325 -7.78 4.65 -13.79
CA ALA A 325 -6.52 4.15 -14.29
C ALA A 325 -6.19 4.70 -15.69
N PRO A 326 -7.13 4.65 -16.63
CA PRO A 326 -6.76 5.22 -17.94
C PRO A 326 -6.43 6.71 -17.89
N PHE A 327 -7.08 7.44 -16.99
CA PHE A 327 -6.93 8.88 -16.89
C PHE A 327 -5.56 9.22 -16.36
N PHE A 328 -5.22 8.67 -15.20
CA PHE A 328 -3.90 8.87 -14.64
C PHE A 328 -2.74 8.32 -15.49
N GLN A 329 -2.89 7.14 -16.06
CA GLN A 329 -1.84 6.64 -16.92
C GLN A 329 -1.62 7.57 -18.08
N LYS A 330 -2.70 7.98 -18.75
CA LYS A 330 -2.52 8.81 -19.96
C LYS A 330 -1.88 10.19 -19.70
N ILE A 331 -2.22 10.83 -18.59
CA ILE A 331 -1.71 12.17 -18.32
C ILE A 331 -0.29 12.07 -17.85
N VAL A 332 0.00 11.06 -17.04
CA VAL A 332 1.38 10.79 -16.68
C VAL A 332 2.25 10.54 -17.92
N ASP A 333 1.81 9.69 -18.84
CA ASP A 333 2.61 9.37 -20.02
C ASP A 333 2.75 10.51 -20.97
N ALA A 334 1.68 11.27 -21.14
CA ALA A 334 1.70 12.43 -22.03
C ALA A 334 2.63 13.54 -21.56
N CYS A 335 2.80 13.70 -20.27
CA CYS A 335 3.30 14.96 -19.77
C CYS A 335 3.66 15.00 -18.29
N LEU A 336 2.85 14.38 -17.43
CA LEU A 336 2.99 14.53 -15.98
C LEU A 336 3.74 13.37 -15.33
N GLN A 337 4.96 13.14 -15.84
CA GLN A 337 5.90 12.08 -15.35
C GLN A 337 6.08 12.00 -13.84
N GLY A 338 6.11 13.14 -13.19
CA GLY A 338 6.34 13.17 -11.78
C GLY A 338 5.18 12.59 -11.02
N MET A 339 4.01 12.43 -11.65
CA MET A 339 2.86 11.87 -10.90
C MET A 339 2.71 10.33 -11.03
N GLN A 340 3.78 9.66 -11.49
CA GLN A 340 3.80 8.22 -11.66
C GLN A 340 3.25 7.46 -10.43
N TRP A 341 3.52 7.94 -9.24
CA TRP A 341 3.06 7.26 -8.05
C TRP A 341 1.59 7.03 -8.04
N THR A 342 0.83 7.91 -8.70
CA THR A 342 -0.61 7.78 -8.72
C THR A 342 -1.00 6.51 -9.43
N VAL A 343 -0.33 6.27 -10.58
CA VAL A 343 -0.57 5.08 -11.37
C VAL A 343 -0.15 3.83 -10.60
N ASP A 344 0.91 3.92 -9.82
CA ASP A 344 1.38 2.81 -8.97
C ASP A 344 0.39 2.48 -7.87
N ARG A 345 -0.14 3.48 -7.21
CA ARG A 345 -1.10 3.24 -6.15
C ARG A 345 -2.45 2.71 -6.65
N ILE A 346 -2.87 3.15 -7.83
CA ILE A 346 -4.11 2.65 -8.36
C ILE A 346 -3.97 1.15 -8.53
N LYS A 347 -2.86 0.76 -9.15
CA LYS A 347 -2.56 -0.63 -9.48
C LYS A 347 -2.52 -1.44 -8.19
N SER A 348 -1.85 -0.91 -7.19
CA SER A 348 -1.77 -1.59 -5.91
C SER A 348 -3.15 -1.67 -5.23
N ASN A 349 -3.95 -0.60 -5.26
CA ASN A 349 -5.27 -0.67 -4.69
C ASN A 349 -6.17 -1.63 -5.43
N ARG A 350 -6.06 -1.67 -6.75
CA ARG A 350 -6.86 -2.58 -7.51
C ARG A 350 -6.54 -4.04 -7.14
N ALA A 351 -5.24 -4.35 -7.02
CA ALA A 351 -4.78 -5.68 -6.59
C ALA A 351 -5.29 -6.01 -5.21
N GLN A 352 -5.29 -5.04 -4.32
CA GLN A 352 -5.89 -5.26 -3.03
C GLN A 352 -7.42 -5.54 -3.09
N TRP A 353 -8.17 -4.89 -4.01
CA TRP A 353 -9.62 -5.12 -4.10
C TRP A 353 -9.85 -6.52 -4.67
N GLU A 354 -9.01 -6.92 -5.62
CA GLU A 354 -9.03 -8.27 -6.16
C GLU A 354 -8.79 -9.37 -5.10
N ARG A 355 -7.92 -9.09 -4.11
CA ARG A 355 -7.76 -9.96 -2.95
C ARG A 355 -8.97 -10.05 -2.07
N VAL A 356 -9.69 -8.95 -1.93
CA VAL A 356 -10.93 -8.94 -1.18
C VAL A 356 -11.92 -9.87 -1.91
N LEU A 357 -11.92 -9.84 -3.24
CA LEU A 357 -12.78 -10.75 -4.00
C LEU A 357 -12.31 -12.20 -3.88
N GLU A 358 -11.03 -12.42 -4.09
CA GLU A 358 -10.47 -13.75 -4.13
C GLU A 358 -10.67 -14.48 -2.80
N THR A 359 -10.77 -13.75 -1.68
CA THR A 359 -10.96 -14.35 -0.38
C THR A 359 -12.36 -14.31 0.17
N ARG A 360 -13.30 -13.77 -0.58
CA ARG A 360 -14.70 -13.62 -0.09
C ARG A 360 -15.43 -15.01 0.01
N VAL B 28 3.66 -25.82 -14.30
CA VAL B 28 3.23 -26.62 -15.41
C VAL B 28 3.69 -25.95 -16.70
N THR B 29 3.93 -24.66 -16.60
CA THR B 29 4.40 -23.92 -17.75
C THR B 29 5.91 -23.93 -17.67
N ALA B 30 6.55 -24.70 -18.51
CA ALA B 30 8.00 -24.80 -18.49
C ALA B 30 8.76 -23.48 -18.49
N ILE B 31 9.92 -23.53 -17.87
CA ILE B 31 10.81 -22.38 -17.80
C ILE B 31 11.54 -22.29 -19.15
N THR B 32 11.64 -21.09 -19.69
CA THR B 32 12.28 -20.85 -20.99
C THR B 32 13.77 -20.61 -20.81
N LYS B 33 14.54 -20.89 -21.86
CA LYS B 33 15.98 -20.53 -21.90
C LYS B 33 16.20 -19.03 -21.68
N VAL B 34 15.26 -18.22 -22.13
CA VAL B 34 15.39 -16.76 -21.99
C VAL B 34 15.37 -16.35 -20.51
N GLU B 35 14.42 -16.91 -19.75
CA GLU B 35 14.31 -16.68 -18.29
C GLU B 35 15.58 -17.18 -17.56
N ARG B 36 16.11 -18.34 -17.94
CA ARG B 36 17.35 -18.82 -17.32
C ARG B 36 18.53 -17.86 -17.54
N GLU B 37 18.70 -17.40 -18.77
CA GLU B 37 19.78 -16.44 -19.10
C GLU B 37 19.73 -15.15 -18.28
N ALA B 38 18.53 -14.60 -18.03
CA ALA B 38 18.41 -13.38 -17.22
C ALA B 38 18.95 -13.55 -15.78
N VAL B 39 18.87 -14.78 -15.26
CA VAL B 39 19.45 -15.09 -13.96
C VAL B 39 20.97 -15.29 -14.09
N LEU B 40 21.39 -16.14 -15.04
CA LEU B 40 22.80 -16.52 -15.23
C LEU B 40 23.76 -15.35 -15.49
N VAL B 41 23.24 -14.34 -16.15
CA VAL B 41 24.01 -13.18 -16.46
C VAL B 41 24.32 -12.31 -15.25
N CYS B 42 23.58 -12.48 -14.17
CA CYS B 42 23.82 -11.66 -12.98
C CYS B 42 25.11 -12.10 -12.35
N GLU B 43 25.97 -11.16 -11.99
CA GLU B 43 27.25 -11.53 -11.42
C GLU B 43 27.50 -11.26 -9.94
N LEU B 44 26.68 -10.45 -9.32
CA LEU B 44 26.84 -10.18 -7.90
C LEU B 44 28.20 -9.69 -7.41
N PRO B 45 28.83 -8.80 -8.16
CA PRO B 45 30.10 -8.22 -7.78
C PRO B 45 29.93 -7.42 -6.50
N SER B 46 30.86 -7.64 -5.56
CA SER B 46 30.88 -7.03 -4.24
C SER B 46 30.12 -7.82 -3.16
N PHE B 47 29.44 -8.92 -3.53
CA PHE B 47 28.55 -9.62 -2.59
C PHE B 47 29.12 -10.94 -2.25
N ASP B 48 29.21 -11.22 -0.95
CA ASP B 48 29.53 -12.57 -0.47
C ASP B 48 28.24 -13.15 0.13
N VAL B 49 27.56 -13.97 -0.65
CA VAL B 49 26.31 -14.56 -0.23
C VAL B 49 26.43 -15.49 0.97
N THR B 50 27.63 -15.93 1.33
CA THR B 50 27.77 -16.80 2.52
C THR B 50 27.93 -16.06 3.83
N ASP B 51 27.93 -14.75 3.80
CA ASP B 51 28.40 -14.01 4.96
C ASP B 51 27.21 -13.68 5.85
N VAL B 52 27.38 -13.65 7.17
CA VAL B 52 26.29 -13.24 8.09
C VAL B 52 25.82 -11.77 7.98
N GLU B 53 26.64 -10.96 7.33
CA GLU B 53 26.35 -9.53 7.18
C GLU B 53 25.90 -9.24 5.75
N PHE B 54 25.80 -10.26 4.91
CA PHE B 54 25.22 -10.09 3.59
C PHE B 54 23.89 -9.31 3.67
N ASP B 55 23.74 -8.39 2.70
CA ASP B 55 22.66 -7.40 2.68
C ASP B 55 21.86 -7.56 1.42
N LEU B 56 20.72 -8.25 1.56
CA LEU B 56 19.80 -8.51 0.45
C LEU B 56 19.11 -7.22 -0.04
N PHE B 57 18.82 -6.28 0.86
CA PHE B 57 18.29 -5.01 0.44
C PHE B 57 19.28 -4.29 -0.49
N ARG B 58 20.57 -4.26 -0.14
CA ARG B 58 21.55 -3.60 -0.99
C ARG B 58 21.69 -4.38 -2.27
N ALA B 59 21.62 -5.70 -2.21
CA ALA B 59 21.61 -6.50 -3.43
C ALA B 59 20.43 -6.20 -4.35
N ARG B 60 19.25 -5.93 -3.77
CA ARG B 60 18.07 -5.64 -4.59
C ARG B 60 18.22 -4.28 -5.32
N GLU B 61 18.68 -3.26 -4.60
CA GLU B 61 18.99 -1.92 -5.13
C GLU B 61 20.07 -1.93 -6.19
N SER B 62 20.97 -2.89 -6.08
CA SER B 62 22.11 -3.03 -6.96
C SER B 62 21.82 -3.03 -8.43
N THR B 63 20.66 -3.47 -8.84
CA THR B 63 20.35 -3.48 -10.25
C THR B 63 18.91 -3.17 -10.53
N ASP B 64 18.53 -3.22 -11.79
CA ASP B 64 17.18 -2.92 -12.18
C ASP B 64 16.26 -4.12 -12.25
N LYS B 65 16.82 -5.30 -12.01
CA LYS B 65 16.08 -6.55 -12.04
C LYS B 65 16.30 -7.26 -10.73
N PRO B 66 15.75 -6.72 -9.66
CA PRO B 66 15.99 -7.33 -8.35
C PRO B 66 15.55 -8.80 -8.27
N LEU B 67 14.51 -9.18 -9.02
CA LEU B 67 14.07 -10.56 -9.06
C LEU B 67 15.08 -11.53 -9.63
N ASP B 68 15.79 -11.11 -10.67
CA ASP B 68 16.86 -11.94 -11.24
C ASP B 68 18.04 -12.06 -10.29
N VAL B 69 18.35 -10.97 -9.61
CA VAL B 69 19.46 -10.99 -8.69
C VAL B 69 19.14 -11.92 -7.55
N ALA B 70 17.93 -11.83 -7.02
CA ALA B 70 17.50 -12.74 -5.93
C ALA B 70 17.58 -14.21 -6.34
N ALA B 71 17.16 -14.49 -7.56
CA ALA B 71 17.26 -15.83 -8.13
C ALA B 71 18.70 -16.30 -8.20
N ALA B 72 19.56 -15.39 -8.67
CA ALA B 72 20.99 -15.66 -8.77
C ALA B 72 21.63 -15.96 -7.41
N ILE B 73 21.19 -15.25 -6.38
CA ILE B 73 21.67 -15.46 -5.01
C ILE B 73 21.30 -16.86 -4.53
N ALA B 74 20.06 -17.29 -4.74
CA ALA B 74 19.63 -18.63 -4.33
C ALA B 74 20.41 -19.68 -5.09
N TYR B 75 20.62 -19.44 -6.39
CA TYR B 75 21.33 -20.38 -7.26
C TYR B 75 22.77 -20.58 -6.76
N ARG B 76 23.43 -19.46 -6.48
CA ARG B 76 24.82 -19.50 -6.05
C ARG B 76 24.94 -20.15 -4.67
N LEU B 77 24.00 -19.85 -3.76
CA LEU B 77 23.99 -20.48 -2.46
C LEU B 77 23.91 -22.00 -2.63
N LEU B 78 23.05 -22.46 -3.52
CA LEU B 78 22.84 -23.88 -3.63
C LEU B 78 24.01 -24.58 -4.27
N LEU B 79 24.49 -24.05 -5.40
CA LEU B 79 25.67 -24.58 -6.06
C LEU B 79 26.92 -24.51 -5.22
N GLY B 80 27.07 -23.42 -4.49
CA GLY B 80 28.23 -23.25 -3.61
C GLY B 80 28.27 -24.22 -2.44
N SER B 81 27.12 -24.69 -2.00
CA SER B 81 27.04 -25.74 -0.96
C SER B 81 27.66 -27.09 -1.44
N GLY B 82 27.72 -27.31 -2.76
CA GLY B 82 28.18 -28.54 -3.32
C GLY B 82 27.11 -29.63 -3.32
N LEU B 83 25.94 -29.32 -2.74
CA LEU B 83 24.92 -30.36 -2.45
C LEU B 83 24.10 -30.87 -3.67
N PRO B 84 23.56 -29.97 -4.54
CA PRO B 84 22.75 -30.47 -5.67
C PRO B 84 23.45 -31.50 -6.53
N GLN B 85 24.68 -31.18 -6.93
CA GLN B 85 25.59 -32.08 -7.67
C GLN B 85 25.62 -33.47 -7.03
N LYS B 86 25.84 -33.53 -5.73
CA LYS B 86 25.89 -34.83 -5.01
C LYS B 86 24.61 -35.67 -5.04
N PHE B 87 23.46 -35.05 -5.29
CA PHE B 87 22.19 -35.77 -5.31
C PHE B 87 21.55 -35.78 -6.70
N GLY B 88 22.37 -35.58 -7.73
CA GLY B 88 21.94 -35.71 -9.11
C GLY B 88 21.02 -34.63 -9.61
N CYS B 89 21.08 -33.45 -9.02
CA CYS B 89 20.29 -32.31 -9.47
C CYS B 89 21.20 -31.44 -10.32
N SER B 90 20.95 -31.43 -11.62
CA SER B 90 21.76 -30.64 -12.57
C SER B 90 21.56 -29.17 -12.28
N ASP B 91 22.45 -28.39 -12.87
CA ASP B 91 22.38 -26.95 -12.77
C ASP B 91 21.10 -26.41 -13.33
N GLU B 92 20.68 -26.94 -14.47
CA GLU B 92 19.50 -26.48 -15.14
C GLU B 92 18.23 -26.78 -14.33
N VAL B 93 18.12 -27.99 -13.77
CA VAL B 93 16.91 -28.37 -12.99
C VAL B 93 16.77 -27.47 -11.75
N LEU B 94 17.92 -27.22 -11.10
CA LEU B 94 17.97 -26.36 -9.94
C LEU B 94 17.45 -24.96 -10.26
N LEU B 95 17.95 -24.36 -11.34
CA LEU B 95 17.53 -23.04 -11.77
C LEU B 95 16.04 -23.03 -12.16
N ASN B 96 15.57 -24.06 -12.84
CA ASN B 96 14.14 -24.17 -13.19
C ASN B 96 13.29 -24.12 -11.92
N PHE B 97 13.69 -24.94 -10.95
CA PHE B 97 13.03 -25.01 -9.67
C PHE B 97 12.96 -23.65 -8.99
N ILE B 98 14.07 -22.93 -9.02
CA ILE B 98 14.12 -21.62 -8.40
C ILE B 98 13.13 -20.69 -9.06
N LEU B 99 13.06 -20.74 -10.39
CA LEU B 99 12.18 -19.84 -11.16
C LEU B 99 10.70 -20.21 -11.07
N GLN B 100 10.41 -21.51 -10.97
CA GLN B 100 9.05 -21.94 -10.65
C GLN B 100 8.58 -21.42 -9.30
N CYS B 101 9.46 -21.49 -8.30
CA CYS B 101 9.11 -20.96 -6.97
C CYS B 101 8.83 -19.47 -7.08
N ARG B 102 9.65 -18.79 -7.87
CA ARG B 102 9.62 -17.35 -7.99
C ARG B 102 8.32 -16.90 -8.58
N LYS B 103 7.90 -17.58 -9.64
CA LYS B 103 6.62 -17.28 -10.24
C LYS B 103 5.45 -17.37 -9.26
N LYS B 104 5.56 -18.13 -8.17
CA LYS B 104 4.43 -18.31 -7.27
C LYS B 104 4.46 -17.43 -6.07
N TYR B 105 5.37 -16.45 -6.06
CA TYR B 105 5.32 -15.50 -4.94
C TYR B 105 4.64 -14.27 -5.50
N ARG B 106 3.94 -13.57 -4.62
CA ARG B 106 3.21 -12.41 -4.98
C ARG B 106 3.94 -11.13 -4.63
N ASN B 107 3.39 -10.05 -5.14
CA ASN B 107 3.86 -8.75 -4.84
C ASN B 107 3.21 -8.27 -3.53
N VAL B 108 3.70 -8.73 -2.39
CA VAL B 108 3.21 -8.26 -1.11
C VAL B 108 4.40 -7.63 -0.41
N PRO B 109 4.11 -6.82 0.68
CA PRO B 109 5.29 -6.18 1.29
C PRO B 109 6.34 -7.10 1.87
N TYR B 110 5.96 -8.12 2.59
CA TYR B 110 6.90 -9.00 3.26
C TYR B 110 7.05 -10.45 2.78
N HIS B 111 5.97 -11.20 2.71
CA HIS B 111 6.04 -12.59 2.29
C HIS B 111 6.10 -12.75 0.79
N ASN B 112 7.15 -12.20 0.21
CA ASN B 112 7.38 -12.22 -1.24
C ASN B 112 8.64 -13.05 -1.47
N PHE B 113 9.20 -13.03 -2.67
CA PHE B 113 10.30 -13.92 -3.01
C PHE B 113 11.57 -13.52 -2.29
N TYR B 114 11.69 -12.23 -1.94
CA TYR B 114 12.92 -11.78 -1.26
C TYR B 114 13.00 -12.37 0.15
N HIS B 115 11.88 -12.49 0.82
CA HIS B 115 11.84 -13.17 2.10
C HIS B 115 12.39 -14.63 2.04
N VAL B 116 12.03 -15.39 1.02
CA VAL B 116 12.34 -16.79 1.09
C VAL B 116 13.77 -16.96 0.66
N VAL B 117 14.27 -16.07 -0.19
CA VAL B 117 15.71 -16.06 -0.54
C VAL B 117 16.51 -15.64 0.67
N ASP B 118 15.97 -14.68 1.43
CA ASP B 118 16.58 -14.31 2.67
C ASP B 118 16.71 -15.51 3.58
N VAL B 119 15.61 -16.28 3.72
CA VAL B 119 15.57 -17.38 4.66
C VAL B 119 16.55 -18.45 4.19
N CYS B 120 16.61 -18.66 2.90
CA CYS B 120 17.58 -19.61 2.31
C CYS B 120 19.02 -19.23 2.69
N GLN B 121 19.32 -17.95 2.50
CA GLN B 121 20.63 -17.39 2.78
C GLN B 121 20.94 -17.46 4.24
N THR B 122 19.95 -17.12 5.04
CA THR B 122 20.12 -17.16 6.48
C THR B 122 20.37 -18.59 6.97
N ILE B 123 19.68 -19.55 6.38
CA ILE B 123 19.84 -20.91 6.77
C ILE B 123 21.23 -21.42 6.40
N HIS B 124 21.71 -21.04 5.21
CA HIS B 124 23.11 -21.30 4.79
C HIS B 124 24.10 -20.82 5.85
N THR B 125 23.90 -19.60 6.34
CA THR B 125 24.75 -19.10 7.43
C THR B 125 24.64 -19.93 8.72
N PHE B 126 23.45 -20.33 9.12
CA PHE B 126 23.33 -21.13 10.35
C PHE B 126 24.03 -22.49 10.22
N LEU B 127 23.91 -23.07 9.04
CA LEU B 127 24.52 -24.34 8.78
C LEU B 127 26.03 -24.26 8.75
N TYR B 128 26.57 -23.37 7.92
CA TYR B 128 27.98 -23.34 7.58
C TYR B 128 28.89 -22.40 8.42
N ARG B 129 28.39 -21.23 8.78
CA ARG B 129 29.06 -20.36 9.75
C ARG B 129 28.70 -20.75 11.16
N GLY B 130 27.49 -21.22 11.40
CA GLY B 130 27.12 -21.67 12.75
C GLY B 130 27.44 -23.11 13.01
N ASN B 131 27.93 -23.84 11.98
CA ASN B 131 28.31 -25.26 12.06
C ASN B 131 27.17 -26.22 12.44
N VAL B 132 25.93 -25.79 12.18
CA VAL B 132 24.81 -26.64 12.38
C VAL B 132 24.83 -27.78 11.35
N TYR B 133 25.53 -27.62 10.21
CA TYR B 133 25.73 -28.77 9.27
C TYR B 133 26.22 -30.04 9.97
N GLU B 134 27.05 -29.88 11.01
CA GLU B 134 27.59 -31.03 11.75
C GLU B 134 26.48 -31.86 12.40
N LYS B 135 25.32 -31.27 12.68
CA LYS B 135 24.20 -31.98 13.32
C LYS B 135 23.29 -32.78 12.35
N LEU B 136 23.48 -32.62 11.04
CA LEU B 136 22.62 -33.13 10.00
C LEU B 136 23.35 -33.86 8.84
N THR B 137 22.64 -34.67 8.07
CA THR B 137 23.29 -35.33 6.93
C THR B 137 23.39 -34.31 5.80
N GLU B 138 24.11 -34.63 4.75
CA GLU B 138 24.15 -33.74 3.63
C GLU B 138 22.77 -33.58 2.96
N LEU B 139 21.98 -34.67 2.87
CA LEU B 139 20.62 -34.61 2.29
C LEU B 139 19.75 -33.63 3.07
N GLU B 140 19.80 -33.73 4.40
CA GLU B 140 19.06 -32.84 5.25
C GLU B 140 19.44 -31.38 5.05
N CYS B 141 20.72 -31.10 4.88
CA CYS B 141 21.17 -29.73 4.55
C CYS B 141 20.61 -29.26 3.19
N PHE B 142 20.66 -30.14 2.17
CA PHE B 142 20.12 -29.85 0.84
C PHE B 142 18.61 -29.57 0.93
N VAL B 143 17.89 -30.42 1.64
CA VAL B 143 16.45 -30.25 1.78
C VAL B 143 16.13 -28.93 2.45
N LEU B 144 16.85 -28.58 3.52
CA LEU B 144 16.60 -27.32 4.20
C LEU B 144 16.77 -26.12 3.25
N LEU B 145 17.82 -26.13 2.44
CA LEU B 145 18.05 -24.99 1.54
C LEU B 145 16.95 -24.88 0.48
N ILE B 146 16.50 -26.04 -0.04
CA ILE B 146 15.40 -26.09 -0.97
C ILE B 146 14.10 -25.68 -0.29
N THR B 147 13.86 -26.20 0.91
CA THR B 147 12.60 -25.93 1.60
C THR B 147 12.42 -24.45 1.89
N ALA B 148 13.52 -23.76 2.15
CA ALA B 148 13.43 -22.34 2.38
C ALA B 148 12.73 -21.63 1.23
N LEU B 149 12.96 -22.09 0.02
CA LEU B 149 12.43 -21.42 -1.16
C LEU B 149 10.97 -21.74 -1.43
N VAL B 150 10.44 -22.83 -0.85
CA VAL B 150 9.00 -23.18 -0.96
C VAL B 150 8.10 -22.79 0.20
N HIS B 151 8.67 -22.32 1.30
CA HIS B 151 7.97 -22.40 2.59
C HIS B 151 6.85 -21.38 2.77
N ASP B 152 6.80 -20.37 1.88
CA ASP B 152 5.69 -19.42 1.90
C ASP B 152 5.00 -19.24 0.53
N LEU B 153 5.21 -20.18 -0.38
CA LEU B 153 4.62 -20.10 -1.72
C LEU B 153 3.16 -19.55 -1.79
N ASP B 154 2.96 -18.52 -2.63
CA ASP B 154 1.66 -17.98 -2.90
C ASP B 154 0.99 -17.36 -1.66
N HIS B 155 1.78 -16.81 -0.74
CA HIS B 155 1.24 -16.04 0.41
C HIS B 155 0.60 -14.73 -0.17
N MET B 156 -0.45 -14.25 0.46
CA MET B 156 -1.25 -13.14 -0.04
C MET B 156 -1.19 -11.94 0.94
N GLY B 157 -0.29 -12.04 1.91
CA GLY B 157 -0.13 -11.09 2.98
C GLY B 157 -1.08 -11.17 4.12
N LEU B 158 -1.77 -12.30 4.22
CA LEU B 158 -2.81 -12.52 5.22
C LEU B 158 -2.49 -13.76 6.00
N ASN B 159 -2.66 -13.71 7.30
CA ASN B 159 -2.26 -14.84 8.15
C ASN B 159 -3.39 -15.83 8.31
N ASN B 160 -3.14 -16.91 9.02
CA ASN B 160 -4.13 -17.99 9.16
C ASN B 160 -5.41 -17.48 9.81
N SER B 161 -5.24 -16.70 10.87
CA SER B 161 -6.33 -16.07 11.59
C SER B 161 -7.32 -15.32 10.67
N PHE B 162 -6.81 -14.59 9.67
CA PHE B 162 -7.69 -13.85 8.77
C PHE B 162 -8.69 -14.79 8.10
N TYR B 163 -8.17 -15.88 7.51
CA TYR B 163 -8.96 -16.85 6.79
C TYR B 163 -10.04 -17.51 7.73
N LEU B 164 -9.72 -17.76 8.99
CA LEU B 164 -10.68 -18.36 9.91
C LEU B 164 -11.71 -17.34 10.39
N LYS B 165 -11.29 -16.18 10.88
CA LYS B 165 -12.26 -15.13 11.32
C LYS B 165 -13.18 -14.69 10.21
N THR B 166 -12.68 -14.55 8.99
CA THR B 166 -13.53 -14.16 7.88
C THR B 166 -14.38 -15.28 7.24
N GLU B 167 -14.30 -16.51 7.75
CA GLU B 167 -14.89 -17.69 7.09
C GLU B 167 -14.71 -17.64 5.58
N SER B 168 -13.49 -17.37 5.17
CA SER B 168 -13.07 -17.42 3.78
C SER B 168 -13.07 -18.90 3.33
N PRO B 169 -13.30 -19.17 2.03
CA PRO B 169 -13.28 -20.57 1.54
C PRO B 169 -12.13 -21.46 2.04
N LEU B 170 -10.87 -21.03 1.91
CA LEU B 170 -9.72 -21.82 2.51
C LEU B 170 -9.82 -22.04 4.04
N GLY B 171 -10.30 -21.05 4.77
CA GLY B 171 -10.50 -21.21 6.21
C GLY B 171 -11.54 -22.27 6.52
N ILE B 172 -12.63 -22.24 5.75
CA ILE B 172 -13.73 -23.20 5.90
C ILE B 172 -13.21 -24.62 5.61
N LEU B 173 -12.48 -24.75 4.52
CA LEU B 173 -11.89 -26.05 4.17
C LEU B 173 -10.93 -26.59 5.24
N SER B 174 -10.15 -25.70 5.84
CA SER B 174 -9.24 -26.07 6.92
C SER B 174 -10.01 -26.49 8.14
N SER B 175 -11.05 -25.74 8.52
CA SER B 175 -11.85 -26.12 9.69
C SER B 175 -12.48 -27.48 9.46
N ALA B 176 -13.10 -27.65 8.27
CA ALA B 176 -13.77 -28.90 7.89
C ALA B 176 -12.80 -30.09 7.97
N SER B 177 -11.59 -29.93 7.42
CA SER B 177 -10.59 -31.02 7.39
C SER B 177 -9.77 -31.17 8.67
N GLY B 178 -10.04 -30.39 9.72
CA GLY B 178 -9.32 -30.53 10.98
C GLY B 178 -7.93 -29.89 11.07
N ASN B 179 -7.37 -29.33 9.97
CA ASN B 179 -6.04 -28.67 10.00
C ASN B 179 -6.13 -27.17 9.98
N THR B 180 -5.95 -26.61 11.16
CA THR B 180 -5.87 -25.18 11.37
C THR B 180 -4.73 -24.40 10.63
N SER B 181 -3.70 -25.09 10.17
CA SER B 181 -2.59 -24.43 9.47
C SER B 181 -2.94 -24.14 8.04
N VAL B 182 -3.81 -23.16 7.88
CA VAL B 182 -4.38 -22.87 6.58
C VAL B 182 -3.29 -22.60 5.54
N LEU B 183 -2.33 -21.70 5.83
CA LEU B 183 -1.33 -21.33 4.78
C LEU B 183 -0.27 -22.39 4.55
N GLU B 184 0.14 -23.01 5.63
CA GLU B 184 1.26 -23.96 5.55
C GLU B 184 0.92 -25.17 4.69
N VAL B 185 -0.32 -25.64 4.84
CA VAL B 185 -0.82 -26.71 3.98
C VAL B 185 -0.83 -26.25 2.54
N HIS B 186 -1.29 -25.05 2.30
CA HIS B 186 -1.30 -24.47 0.96
C HIS B 186 0.11 -24.38 0.37
N HIS B 187 1.07 -23.96 1.18
CA HIS B 187 2.47 -23.88 0.65
C HIS B 187 2.97 -25.28 0.26
N CYS B 188 2.70 -26.28 1.11
CA CYS B 188 3.13 -27.66 0.81
C CYS B 188 2.50 -28.19 -0.46
N ASN B 189 1.21 -27.92 -0.62
CA ASN B 189 0.51 -28.28 -1.87
C ASN B 189 1.19 -27.72 -3.10
N LEU B 190 1.57 -26.45 -3.06
CA LEU B 190 2.23 -25.89 -4.24
C LEU B 190 3.66 -26.38 -4.42
N ALA B 191 4.33 -26.75 -3.33
CA ALA B 191 5.68 -27.31 -3.43
C ALA B 191 5.64 -28.63 -4.17
N VAL B 192 4.78 -29.52 -3.68
CA VAL B 192 4.53 -30.81 -4.32
C VAL B 192 4.22 -30.62 -5.82
N GLU B 193 3.40 -29.64 -6.12
CA GLU B 193 3.07 -29.31 -7.51
C GLU B 193 4.29 -28.99 -8.34
N ILE B 194 5.15 -28.10 -7.86
CA ILE B 194 6.38 -27.78 -8.62
C ILE B 194 7.34 -29.00 -8.82
N LEU B 195 7.46 -29.81 -7.77
CA LEU B 195 8.36 -30.94 -7.79
C LEU B 195 7.84 -32.09 -8.63
N SER B 196 6.55 -32.06 -9.01
CA SER B 196 5.97 -33.13 -9.82
C SER B 196 6.39 -33.03 -11.30
N ASP B 197 6.79 -31.85 -11.75
CA ASP B 197 7.46 -31.70 -13.04
C ASP B 197 8.97 -32.07 -12.93
N PRO B 198 9.43 -33.12 -13.66
CA PRO B 198 10.85 -33.50 -13.64
C PRO B 198 11.85 -32.40 -14.02
N GLU B 199 11.43 -31.46 -14.86
CA GLU B 199 12.23 -30.30 -15.20
C GLU B 199 12.60 -29.43 -13.99
N SER B 200 11.77 -29.44 -12.96
CA SER B 200 12.03 -28.68 -11.75
C SER B 200 12.03 -29.57 -10.48
N ASP B 201 12.19 -30.89 -10.64
CA ASP B 201 12.23 -31.76 -9.47
C ASP B 201 13.68 -31.88 -9.01
N VAL B 202 14.05 -30.99 -8.09
CA VAL B 202 15.36 -31.05 -7.49
C VAL B 202 15.58 -32.36 -6.70
N PHE B 203 14.51 -33.13 -6.42
CA PHE B 203 14.65 -34.41 -5.79
C PHE B 203 14.59 -35.64 -6.75
N ASP B 204 14.62 -35.40 -8.05
CA ASP B 204 14.49 -36.49 -9.03
C ASP B 204 15.67 -37.47 -9.02
N GLY B 205 16.86 -36.99 -8.70
CA GLY B 205 18.00 -37.86 -8.50
C GLY B 205 17.94 -38.80 -7.29
N LEU B 206 16.92 -38.68 -6.46
CA LEU B 206 16.83 -39.50 -5.26
C LEU B 206 15.91 -40.66 -5.51
N GLU B 207 16.01 -41.67 -4.64
CA GLU B 207 15.10 -42.77 -4.68
C GLU B 207 15.02 -43.47 -3.35
N GLY B 208 14.00 -44.31 -3.22
CA GLY B 208 13.81 -45.11 -2.04
C GLY B 208 13.67 -44.21 -0.83
N ALA B 209 14.28 -44.62 0.27
CA ALA B 209 14.08 -43.93 1.54
C ALA B 209 14.57 -42.48 1.47
N GLU B 210 15.59 -42.21 0.66
CA GLU B 210 16.06 -40.82 0.52
C GLU B 210 15.01 -39.91 -0.08
N ARG B 211 14.37 -40.32 -1.18
CA ARG B 211 13.32 -39.48 -1.81
C ARG B 211 12.19 -39.22 -0.82
N THR B 212 11.79 -40.26 -0.12
CA THR B 212 10.75 -40.15 0.86
C THR B 212 11.09 -39.19 1.96
N LEU B 213 12.26 -39.35 2.55
CA LEU B 213 12.76 -38.44 3.59
C LEU B 213 12.80 -37.01 3.06
N ALA B 214 13.20 -36.82 1.81
CA ALA B 214 13.25 -35.46 1.29
C ALA B 214 11.91 -34.76 1.30
N PHE B 215 10.88 -35.45 0.80
CA PHE B 215 9.51 -34.92 0.80
C PHE B 215 8.94 -34.84 2.22
N ARG B 216 9.14 -35.86 3.01
CA ARG B 216 8.56 -35.83 4.37
C ARG B 216 9.15 -34.70 5.20
N SER B 217 10.48 -34.58 5.15
CA SER B 217 11.16 -33.59 5.97
C SER B 217 10.82 -32.18 5.45
N MET B 218 10.73 -32.02 4.12
CA MET B 218 10.34 -30.69 3.54
C MET B 218 8.99 -30.26 4.05
N ILE B 219 8.03 -31.18 3.97
CA ILE B 219 6.69 -30.95 4.40
C ILE B 219 6.64 -30.74 5.91
N ASP B 220 7.30 -31.59 6.69
CA ASP B 220 7.32 -31.40 8.16
C ASP B 220 7.82 -30.02 8.56
N CYS B 221 8.94 -29.60 7.95
CA CYS B 221 9.51 -28.28 8.17
C CYS B 221 8.53 -27.14 7.85
N VAL B 222 7.87 -27.18 6.70
CA VAL B 222 6.91 -26.11 6.36
C VAL B 222 5.74 -26.07 7.33
N LEU B 223 5.17 -27.24 7.66
CA LEU B 223 4.10 -27.28 8.65
C LEU B 223 4.52 -26.68 9.97
N ALA B 224 5.77 -26.86 10.33
CA ALA B 224 6.27 -26.33 11.60
C ALA B 224 6.47 -24.82 11.64
N THR B 225 6.43 -24.14 10.50
CA THR B 225 6.54 -22.68 10.48
C THR B 225 5.28 -21.93 10.93
N ASP B 226 4.18 -22.65 11.16
CA ASP B 226 3.00 -22.07 11.69
C ASP B 226 3.27 -21.65 13.12
N MET B 227 3.15 -20.35 13.40
CA MET B 227 3.54 -19.81 14.72
C MET B 227 2.61 -20.22 15.82
N ALA B 228 1.43 -20.72 15.48
CA ALA B 228 0.55 -21.36 16.45
C ALA B 228 1.22 -22.55 17.13
N LYS B 229 2.15 -23.24 16.44
CA LYS B 229 2.88 -24.43 16.97
C LYS B 229 4.27 -24.07 17.52
N HIS B 230 4.55 -22.78 17.67
CA HIS B 230 5.90 -22.33 18.01
C HIS B 230 6.40 -22.92 19.34
N GLY B 231 5.57 -22.80 20.36
CA GLY B 231 5.93 -23.24 21.70
C GLY B 231 6.23 -24.72 21.74
N SER B 232 5.40 -25.53 21.12
CA SER B 232 5.53 -26.96 21.22
C SER B 232 6.66 -27.53 20.34
N ALA B 233 6.91 -26.92 19.19
CA ALA B 233 8.09 -27.22 18.37
C ALA B 233 9.39 -26.94 19.15
N LEU B 234 9.42 -25.81 19.83
CA LEU B 234 10.54 -25.48 20.67
C LEU B 234 10.74 -26.45 21.83
N GLU B 235 9.66 -26.77 22.56
CA GLU B 235 9.72 -27.68 23.71
C GLU B 235 10.12 -29.10 23.26
N ALA B 236 9.62 -29.52 22.10
CA ALA B 236 10.03 -30.78 21.50
C ALA B 236 11.52 -30.84 21.15
N PHE B 237 12.01 -29.84 20.40
CA PHE B 237 13.44 -29.75 20.09
C PHE B 237 14.33 -29.79 21.33
N LEU B 238 14.00 -28.96 22.33
CA LEU B 238 14.81 -28.85 23.52
C LEU B 238 14.83 -30.16 24.26
N ALA B 239 13.72 -30.86 24.26
CA ALA B 239 13.63 -32.11 24.98
C ALA B 239 14.39 -33.19 24.24
N SER B 240 14.37 -33.16 22.91
CA SER B 240 15.17 -34.06 22.10
C SER B 240 16.69 -33.80 22.26
N ALA B 241 17.12 -32.54 22.24
CA ALA B 241 18.53 -32.18 22.41
C ALA B 241 19.10 -32.56 23.76
N ALA B 242 18.30 -32.45 24.82
CA ALA B 242 18.72 -32.94 26.12
C ALA B 242 18.46 -34.44 25.95
N ASP B 243 19.28 -35.31 26.53
CA ASP B 243 19.20 -36.75 26.25
C ASP B 243 19.72 -36.98 24.81
N GLN B 244 18.91 -37.38 23.80
CA GLN B 244 19.25 -37.35 22.31
C GLN B 244 19.82 -38.60 21.56
N SER B 245 20.75 -39.29 22.20
CA SER B 245 21.10 -40.66 21.76
C SER B 245 19.89 -41.55 22.02
N SER B 246 19.08 -41.09 22.94
CA SER B 246 17.74 -41.58 23.08
C SER B 246 16.97 -41.69 21.75
N ASP B 247 17.10 -40.73 20.82
CA ASP B 247 16.38 -40.85 19.52
C ASP B 247 16.87 -39.99 18.31
N GLU B 248 17.86 -40.52 17.58
CA GLU B 248 18.61 -39.74 16.60
C GLU B 248 17.75 -39.23 15.44
N ALA B 249 16.86 -40.06 14.90
CA ALA B 249 16.04 -39.65 13.74
C ALA B 249 15.14 -38.47 14.11
N ALA B 250 14.54 -38.58 15.29
CA ALA B 250 13.71 -37.54 15.80
C ALA B 250 14.50 -36.24 15.95
N PHE B 251 15.68 -36.32 16.59
CA PHE B 251 16.50 -35.14 16.80
C PHE B 251 16.86 -34.46 15.48
N HIS B 252 17.19 -35.26 14.47
CA HIS B 252 17.50 -34.72 13.17
C HIS B 252 16.32 -33.96 12.59
N ARG B 253 15.13 -34.58 12.62
CA ARG B 253 13.92 -33.95 12.11
C ARG B 253 13.61 -32.65 12.87
N MET B 254 13.69 -32.68 14.20
CA MET B 254 13.43 -31.48 15.02
C MET B 254 14.44 -30.37 14.80
N THR B 255 15.70 -30.74 14.57
CA THR B 255 16.77 -29.79 14.25
C THR B 255 16.44 -29.11 12.95
N MET B 256 16.04 -29.88 11.94
CA MET B 256 15.57 -29.28 10.66
C MET B 256 14.42 -28.26 10.82
N GLU B 257 13.44 -28.65 11.61
CA GLU B 257 12.29 -27.84 11.87
C GLU B 257 12.72 -26.55 12.57
N ILE B 258 13.59 -26.71 13.56
CA ILE B 258 14.01 -25.57 14.36
C ILE B 258 14.84 -24.56 13.50
N ILE B 259 15.58 -25.07 12.54
CA ILE B 259 16.41 -24.24 11.74
C ILE B 259 15.58 -23.45 10.73
N LEU B 260 14.55 -24.07 10.11
CA LEU B 260 13.68 -23.33 9.26
C LEU B 260 12.92 -22.32 10.07
N LYS B 261 12.39 -22.70 11.25
CA LYS B 261 11.76 -21.71 12.11
C LYS B 261 12.69 -20.53 12.43
N ALA B 262 13.94 -20.88 12.78
CA ALA B 262 14.96 -19.88 13.07
C ALA B 262 15.23 -18.90 11.91
N GLY B 263 15.41 -19.40 10.69
CA GLY B 263 15.49 -18.55 9.51
C GLY B 263 14.27 -17.66 9.36
N ASP B 264 13.10 -18.19 9.73
CA ASP B 264 11.85 -17.49 9.52
C ASP B 264 11.68 -16.33 10.48
N ILE B 265 12.22 -16.44 11.68
CA ILE B 265 12.21 -15.32 12.63
C ILE B 265 13.60 -14.71 12.81
N SER B 266 14.43 -14.81 11.78
CA SER B 266 15.82 -14.31 11.80
C SER B 266 16.04 -12.82 11.52
N ASN B 267 15.00 -12.09 11.15
CA ASN B 267 15.17 -10.66 10.84
C ASN B 267 15.84 -9.88 11.97
N VAL B 268 15.48 -10.18 13.22
CA VAL B 268 16.08 -9.49 14.34
C VAL B 268 17.52 -9.94 14.72
N THR B 269 18.13 -10.88 13.98
CA THR B 269 19.50 -11.31 14.20
C THR B 269 20.44 -10.62 13.23
N LYS B 270 19.95 -9.69 12.41
CA LYS B 270 20.77 -9.16 11.33
C LYS B 270 21.31 -7.80 11.76
N PRO B 271 22.34 -7.27 11.01
CA PRO B 271 22.78 -5.86 11.23
C PRO B 271 21.61 -4.87 11.25
N PHE B 272 21.59 -3.98 12.26
CA PHE B 272 20.44 -3.17 12.58
C PHE B 272 19.72 -2.56 11.38
N ASP B 273 20.46 -2.00 10.43
CA ASP B 273 19.78 -1.35 9.32
C ASP B 273 19.02 -2.37 8.44
N ILE B 274 19.54 -3.58 8.35
CA ILE B 274 18.86 -4.65 7.66
C ILE B 274 17.62 -5.05 8.47
N SER B 275 17.79 -5.28 9.76
CA SER B 275 16.69 -5.65 10.66
C SER B 275 15.54 -4.64 10.56
N ARG B 276 15.88 -3.35 10.49
CA ARG B 276 14.89 -2.26 10.46
C ARG B 276 14.10 -2.28 9.15
N GLN B 277 14.81 -2.43 8.04
CA GLN B 277 14.13 -2.55 6.78
C GLN B 277 13.12 -3.71 6.74
N TRP B 278 13.49 -4.86 7.30
CA TRP B 278 12.56 -6.03 7.40
C TRP B 278 11.39 -5.65 8.27
N ALA B 279 11.64 -4.99 9.39
CA ALA B 279 10.53 -4.65 10.31
C ALA B 279 9.49 -3.73 9.63
N MET B 280 9.99 -2.88 8.72
CA MET B 280 9.14 -1.95 8.01
C MET B 280 8.22 -2.69 7.07
N ALA B 281 8.81 -3.59 6.30
CA ALA B 281 8.06 -4.41 5.36
C ALA B 281 6.99 -5.30 6.04
N VAL B 282 7.33 -5.99 7.14
CA VAL B 282 6.34 -6.83 7.83
C VAL B 282 5.30 -5.97 8.48
N THR B 283 5.68 -4.82 9.01
CA THR B 283 4.72 -3.93 9.67
C THR B 283 3.68 -3.42 8.65
N GLU B 284 4.13 -3.09 7.46
CA GLU B 284 3.22 -2.61 6.44
C GLU B 284 2.24 -3.74 6.08
N GLU B 285 2.75 -4.96 5.91
CA GLU B 285 1.91 -6.10 5.54
C GLU B 285 0.86 -6.42 6.61
N PHE B 286 1.25 -6.40 7.87
CA PHE B 286 0.27 -6.53 8.99
C PHE B 286 -0.81 -5.44 8.90
N TYR B 287 -0.39 -4.20 8.61
CA TYR B 287 -1.35 -3.08 8.55
C TYR B 287 -2.37 -3.26 7.42
N ARG B 288 -1.93 -3.80 6.28
CA ARG B 288 -2.82 -4.11 5.19
C ARG B 288 -3.80 -5.23 5.53
N GLN B 289 -3.35 -6.21 6.31
CA GLN B 289 -4.26 -7.19 6.79
C GLN B 289 -5.35 -6.53 7.63
N GLY B 290 -4.97 -5.70 8.59
CA GLY B 290 -5.93 -4.96 9.42
C GLY B 290 -6.92 -4.08 8.62
N ASP B 291 -6.45 -3.50 7.50
CA ASP B 291 -7.28 -2.73 6.56
C ASP B 291 -8.36 -3.58 5.88
N MET B 292 -7.95 -4.71 5.32
CA MET B 292 -8.90 -5.70 4.85
C MET B 292 -9.85 -6.30 5.91
N GLU B 293 -9.44 -6.36 7.16
CA GLU B 293 -10.36 -6.81 8.22
C GLU B 293 -11.46 -5.76 8.50
N LYS B 294 -11.05 -4.50 8.51
CA LYS B 294 -12.00 -3.40 8.69
C LYS B 294 -13.03 -3.50 7.55
N GLU B 295 -12.56 -3.51 6.31
CA GLU B 295 -13.41 -3.75 5.12
C GLU B 295 -14.40 -4.93 5.27
N ARG B 296 -13.92 -6.03 5.81
CA ARG B 296 -14.77 -7.17 6.06
C ARG B 296 -15.58 -7.04 7.38
N GLY B 297 -15.51 -5.93 8.08
CA GLY B 297 -16.09 -5.81 9.42
C GLY B 297 -15.72 -6.86 10.47
N VAL B 298 -14.48 -7.37 10.49
CA VAL B 298 -14.09 -8.32 11.57
C VAL B 298 -13.14 -7.65 12.51
N GLU B 299 -12.89 -8.31 13.64
CA GLU B 299 -11.92 -7.91 14.66
C GLU B 299 -10.53 -7.63 14.09
N VAL B 300 -10.03 -6.41 14.35
CA VAL B 300 -8.63 -6.06 14.04
C VAL B 300 -7.83 -6.00 15.34
N LEU B 301 -6.80 -6.83 15.46
CA LEU B 301 -5.93 -6.78 16.64
C LEU B 301 -5.07 -5.49 16.60
N PRO B 302 -4.62 -5.00 17.79
CA PRO B 302 -3.80 -3.79 17.88
C PRO B 302 -2.58 -3.76 16.95
N MET B 303 -1.78 -4.84 16.97
CA MET B 303 -0.60 -5.04 16.11
C MET B 303 -0.87 -4.78 14.62
N PHE B 304 -2.10 -5.06 14.19
CA PHE B 304 -2.48 -5.02 12.76
C PHE B 304 -3.19 -3.72 12.39
N ASP B 305 -3.44 -2.87 13.41
CA ASP B 305 -4.27 -1.65 13.27
C ASP B 305 -3.46 -0.35 13.06
N ARG B 306 -3.47 0.23 11.85
CA ARG B 306 -2.79 1.52 11.55
C ARG B 306 -3.16 2.65 12.52
N SER B 307 -4.45 2.76 12.83
CA SER B 307 -4.96 3.83 13.69
C SER B 307 -4.37 3.80 15.11
N LYS B 308 -3.68 2.74 15.47
CA LYS B 308 -3.09 2.78 16.77
C LYS B 308 -1.77 3.52 16.78
N ASN B 309 -1.49 4.14 17.91
CA ASN B 309 -0.28 4.88 18.12
C ASN B 309 0.78 3.89 17.65
N MET B 310 1.51 3.34 18.62
CA MET B 310 2.51 2.31 18.38
C MET B 310 3.51 2.59 17.28
N GLU B 311 4.77 2.67 17.68
CA GLU B 311 5.82 2.91 16.72
C GLU B 311 6.44 1.57 16.45
N LEU B 312 7.35 1.55 15.50
CA LEU B 312 8.03 0.37 15.10
C LEU B 312 8.85 -0.22 16.25
N ALA B 313 9.57 0.64 16.94
CA ALA B 313 10.48 0.30 18.01
C ALA B 313 9.84 -0.51 19.11
N LYS B 314 8.64 -0.12 19.54
CA LYS B 314 7.91 -0.86 20.60
C LYS B 314 7.51 -2.25 20.14
N GLY B 315 7.19 -2.39 18.85
CA GLY B 315 6.82 -3.70 18.31
C GLY B 315 8.01 -4.63 18.27
N GLN B 316 9.10 -4.15 17.67
CA GLN B 316 10.32 -4.92 17.58
C GLN B 316 10.85 -5.35 18.97
N ILE B 317 10.83 -4.45 19.95
CA ILE B 317 11.26 -4.79 21.30
C ILE B 317 10.35 -5.84 21.92
N GLY B 318 9.04 -5.73 21.72
CA GLY B 318 8.09 -6.73 22.25
C GLY B 318 8.32 -8.10 21.60
N PHE B 319 8.50 -8.09 20.28
CA PHE B 319 8.77 -9.34 19.54
C PHE B 319 10.10 -9.97 20.04
N ILE B 320 11.14 -9.16 20.19
CA ILE B 320 12.41 -9.60 20.80
C ILE B 320 12.21 -10.20 22.22
N ASP B 321 11.50 -9.53 23.09
CA ASP B 321 11.42 -9.99 24.47
C ASP B 321 10.58 -11.24 24.65
N PHE B 322 9.46 -11.30 23.92
CA PHE B 322 8.52 -12.40 24.09
C PHE B 322 8.71 -13.56 23.13
N VAL B 323 9.24 -13.34 21.93
CA VAL B 323 9.43 -14.42 20.95
C VAL B 323 10.91 -14.74 20.68
N ALA B 324 11.62 -13.82 20.01
CA ALA B 324 12.91 -14.14 19.40
C ALA B 324 14.07 -14.35 20.37
N ALA B 325 14.18 -13.51 21.41
CA ALA B 325 15.32 -13.66 22.33
C ALA B 325 15.22 -14.97 23.10
N PRO B 326 14.06 -15.30 23.67
CA PRO B 326 14.01 -16.61 24.35
C PRO B 326 14.26 -17.82 23.43
N PHE B 327 13.85 -17.72 22.17
CA PHE B 327 13.95 -18.82 21.21
C PHE B 327 15.41 -19.04 20.87
N PHE B 328 16.07 -17.98 20.40
CA PHE B 328 17.48 -18.09 20.04
C PHE B 328 18.40 -18.44 21.25
N GLN B 329 18.15 -17.86 22.41
CA GLN B 329 18.94 -18.21 23.57
C GLN B 329 18.77 -19.67 23.89
N LYS B 330 17.54 -20.16 23.94
CA LYS B 330 17.34 -21.54 24.33
C LYS B 330 17.89 -22.59 23.38
N ILE B 331 17.82 -22.36 22.07
CA ILE B 331 18.38 -23.32 21.12
C ILE B 331 19.91 -23.27 21.06
N VAL B 332 20.47 -22.06 21.13
CA VAL B 332 21.90 -21.92 21.28
C VAL B 332 22.43 -22.64 22.53
N ASP B 333 21.79 -22.45 23.67
CA ASP B 333 22.26 -23.08 24.90
C ASP B 333 22.10 -24.57 24.90
N ALA B 334 20.99 -25.05 24.37
CA ALA B 334 20.69 -26.48 24.34
C ALA B 334 21.63 -27.25 23.45
N CYS B 335 22.16 -26.61 22.41
CA CYS B 335 22.75 -27.39 21.36
C CYS B 335 23.53 -26.60 20.29
N LEU B 336 23.01 -25.43 19.92
CA LEU B 336 23.49 -24.75 18.70
C LEU B 336 24.46 -23.62 19.04
N GLN B 337 25.51 -24.00 19.77
CA GLN B 337 26.58 -23.09 20.25
C GLN B 337 27.15 -22.19 19.18
N GLY B 338 27.30 -22.72 18.00
CA GLY B 338 27.90 -21.97 16.92
C GLY B 338 27.03 -20.83 16.48
N MET B 339 25.77 -20.80 16.89
CA MET B 339 24.89 -19.69 16.48
C MET B 339 24.77 -18.57 17.56
N GLN B 340 25.72 -18.53 18.51
CA GLN B 340 25.78 -17.48 19.56
C GLN B 340 25.65 -16.04 19.02
N TRP B 341 26.24 -15.75 17.85
CA TRP B 341 26.16 -14.42 17.29
C TRP B 341 24.70 -13.94 17.10
N THR B 342 23.76 -14.86 16.92
CA THR B 342 22.37 -14.47 16.82
C THR B 342 21.87 -13.83 18.11
N VAL B 343 22.20 -14.45 19.24
CA VAL B 343 21.80 -13.95 20.57
C VAL B 343 22.46 -12.60 20.83
N ASP B 344 23.69 -12.43 20.34
CA ASP B 344 24.41 -11.18 20.52
C ASP B 344 23.74 -10.09 19.73
N ARG B 345 23.37 -10.38 18.51
CA ARG B 345 22.83 -9.35 17.67
C ARG B 345 21.43 -8.94 18.06
N ILE B 346 20.67 -9.87 18.59
CA ILE B 346 19.35 -9.49 19.09
C ILE B 346 19.50 -8.43 20.19
N LYS B 347 20.39 -8.72 21.15
CA LYS B 347 20.68 -7.86 22.29
C LYS B 347 21.14 -6.48 21.81
N SER B 348 22.07 -6.46 20.87
CA SER B 348 22.51 -5.21 20.29
C SER B 348 21.40 -4.46 19.51
N ASN B 349 20.58 -5.17 18.74
CA ASN B 349 19.44 -4.52 18.10
C ASN B 349 18.40 -3.98 19.06
N ARG B 350 18.13 -4.71 20.13
CA ARG B 350 17.17 -4.27 21.09
C ARG B 350 17.62 -2.96 21.68
N ALA B 351 18.91 -2.89 22.02
CA ALA B 351 19.49 -1.68 22.60
C ALA B 351 19.38 -0.53 21.63
N GLN B 352 19.62 -0.80 20.34
CA GLN B 352 19.40 0.19 19.31
C GLN B 352 17.93 0.66 19.18
N TRP B 353 16.93 -0.23 19.38
CA TRP B 353 15.52 0.17 19.34
C TRP B 353 15.18 1.05 20.54
N GLU B 354 15.74 0.71 21.70
CA GLU B 354 15.60 1.53 22.90
C GLU B 354 16.13 2.95 22.69
N ARG B 355 17.21 3.11 21.92
CA ARG B 355 17.74 4.43 21.54
C ARG B 355 16.85 5.21 20.61
N VAL B 356 16.16 4.50 19.74
CA VAL B 356 15.19 5.14 18.87
C VAL B 356 14.01 5.69 19.73
N LEU B 357 13.61 4.94 20.76
CA LEU B 357 12.59 5.44 21.69
C LEU B 357 13.00 6.71 22.43
N GLU B 358 14.22 6.72 22.98
CA GLU B 358 14.74 7.92 23.65
C GLU B 358 14.86 9.12 22.64
N THR B 359 15.17 8.83 21.35
CA THR B 359 15.78 9.77 20.36
C THR B 359 16.95 10.57 20.93
ZN ZN C . -15.44 17.53 -6.09
MG MG D . -18.28 18.77 -8.23
C FMT E . 2.59 39.74 -8.47
O1 FMT E . 1.54 40.31 -8.20
O2 FMT E . 2.77 39.38 -9.75
C FMT F . -0.96 43.41 -14.53
O1 FMT F . -0.85 43.63 -13.34
O2 FMT F . -1.66 42.37 -14.94
C FMT G . 1.19 12.04 7.89
O1 FMT G . 0.96 13.12 8.45
O2 FMT G . 2.40 11.85 7.37
C GAI H . -15.85 -14.31 -5.65
N1 GAI H . -16.65 -14.30 -6.69
N2 GAI H . -15.06 -15.37 -5.43
N3 GAI H . -15.86 -13.29 -4.90
O3 908 I . -19.51 12.55 -11.35
C20 908 I . -19.10 11.80 -10.50
N3 908 I . -18.84 10.49 -10.81
C17 908 I . -19.25 9.66 -11.97
C19 908 I . -18.08 9.51 -12.95
C18 908 I . -20.50 10.25 -12.63
N2 908 I . -18.00 9.73 -10.03
C21 908 I . -18.67 12.36 -9.14
C26 908 I . -17.30 11.76 -8.80
C25 908 I . -16.19 12.37 -9.67
C24 908 I . -16.31 13.86 -9.84
C23 908 I . -17.46 14.50 -9.70
C22 908 I . -18.62 13.90 -8.97
C16 908 I . -17.39 10.27 -9.03
C4 908 I . -16.82 9.28 -8.08
C3 908 I . -15.60 9.51 -7.45
C2 908 I . -15.03 8.53 -6.66
C5 908 I . -17.48 8.07 -7.90
C6 908 I . -16.92 7.06 -7.12
C1 908 I . -15.70 7.31 -6.47
O 908 I . -15.27 6.31 -5.64
C 908 I . -14.35 6.65 -4.61
C7 908 I . -17.63 5.76 -7.13
C12 908 I . -17.20 4.71 -7.93
C11 908 I . -17.92 3.54 -8.03
C10 908 I . -19.11 3.39 -7.32
C9 908 I . -19.56 4.43 -6.52
C8 908 I . -18.82 5.59 -6.43
C13 908 I . -19.87 2.11 -7.32
O1 908 I . -19.88 1.39 -8.32
N 908 I . -20.50 1.81 -6.19
C14 908 I . -21.71 1.03 -6.18
C15 908 I . -21.72 0.19 -4.95
O2 908 I . -22.67 0.27 -4.16
N1 908 I . -20.65 -0.57 -4.72
C1 GOL J . 7.66 18.09 -14.51
O1 GOL J . 8.78 18.32 -15.37
C2 GOL J . 6.95 16.77 -14.85
O2 GOL J . 7.84 15.68 -15.20
C3 GOL J . 6.15 16.48 -13.58
O3 GOL J . 4.90 15.82 -13.79
ZN ZN K . 8.27 -17.29 6.16
MG MG L . 4.85 -18.79 6.54
C1 GOL M . 27.42 -32.29 6.44
O1 GOL M . 26.25 -32.27 7.31
C2 GOL M . 28.64 -33.13 6.88
O2 GOL M . 28.67 -33.46 8.30
C3 GOL M . 30.00 -32.68 6.38
O3 GOL M . 31.16 -33.40 6.97
C1 GOL N . 27.04 -25.62 16.04
O1 GOL N . 25.84 -24.93 16.44
C2 GOL N . 27.54 -26.73 16.97
O2 GOL N . 28.29 -27.69 16.20
C3 GOL N . 28.43 -26.23 18.10
O3 GOL N . 29.58 -25.51 17.61
C1 PEG O . -4.41 -25.88 -0.34
O1 PEG O . -4.58 -25.18 -1.60
C2 PEG O . -5.04 -25.12 0.85
O2 PEG O . -4.66 -25.64 2.13
C3 PEG O . -5.31 -25.08 3.28
C4 PEG O . -6.66 -25.78 3.50
O4 PEG O . -7.70 -24.80 3.71
C1 PEG P . 22.68 -38.25 3.55
O1 PEG P . 23.54 -37.46 2.71
C2 PEG P . 22.08 -39.54 2.97
O2 PEG P . 21.52 -40.35 4.04
C3 PEG P . 20.06 -40.39 4.17
C4 PEG P . 19.53 -39.81 5.52
O4 PEG P . 19.39 -38.34 5.56
O3 908 Q . 2.71 -15.15 13.42
C20 908 Q . 3.66 -14.41 13.23
N3 908 Q . 4.11 -13.57 14.24
C17 908 Q . 3.62 -13.30 15.63
C19 908 Q . 4.50 -13.99 16.63
C18 908 Q . 2.17 -13.75 15.79
N2 908 Q . 5.22 -12.78 14.06
C21 908 Q . 4.34 -14.39 11.86
C26 908 Q . 5.80 -13.86 11.87
C25 908 Q . 6.83 -15.01 11.98
C24 908 Q . 6.60 -16.04 10.91
C23 908 Q . 5.45 -16.07 10.30
C22 908 Q . 4.20 -15.69 11.03
C16 908 Q . 5.93 -12.83 12.98
C4 908 Q . 6.82 -11.66 12.91
C3 908 Q . 8.08 -11.74 12.31
C2 908 Q . 8.97 -10.69 12.40
C5 908 Q . 6.45 -10.49 13.55
C6 908 Q . 7.30 -9.40 13.63
C1 908 Q . 8.57 -9.51 13.06
O 908 Q . 9.34 -8.36 13.09
C 908 Q . 10.43 -8.23 12.16
C7 908 Q . 6.71 -8.16 14.20
C12 908 Q . 6.65 -7.00 13.45
C11 908 Q . 5.85 -5.94 13.82
C10 908 Q . 5.11 -5.99 15.01
C9 908 Q . 5.21 -7.14 15.79
C8 908 Q . 6.00 -8.19 15.40
C13 908 Q . 4.22 -4.84 15.38
O1 908 Q . 4.26 -4.37 16.52
N 908 Q . 3.41 -4.35 14.44
C14 908 Q . 3.06 -2.95 14.40
C15 908 Q . 4.19 -2.01 14.74
O2 908 Q . 4.04 -1.14 15.61
N1 908 Q . 5.33 -2.18 14.09
C FMT R . 28.88 -8.56 1.92
O1 FMT R . 29.11 -9.20 2.93
O2 FMT R . 28.59 -9.22 0.80
#